data_3AGQ
#
_entry.id   3AGQ
#
_cell.length_a   138.769
_cell.length_b   255.119
_cell.length_c   100.975
_cell.angle_alpha   90.00
_cell.angle_beta   90.00
_cell.angle_gamma   90.00
#
_symmetry.space_group_name_H-M   'C 2 2 21'
#
loop_
_entity.id
_entity.type
_entity.pdbx_description
1 polymer 'Elongation factor Ts, Elongation factor Tu 1, LINKER, Q beta replicase'
2 non-polymer 'MAGNESIUM ION'
3 water water
#
_entity_poly.entity_id   1
_entity_poly.type   'polypeptide(L)'
_entity_poly.pdbx_seq_one_letter_code
;MAEITASLVKELRERTGAGMMDCKKALTEANGDIELAIENMRKSGAIKAAKKAGNVAADGVIKTKIDGNYGIILEVNCQT
DFVAKDAGFQAFADKVLDAAVAGKITDVEVLKAQFEEERVALVAKIGENINIRRVAALEGDVLGSYQHGARIGVLVAAKG
ADEELVKHIAMHVAASKPEFIKPEDVSAEVVEKEYQVQLDIAMQSGKPKEIAEKMVEGRMKKFTGEVSLTGQPFVMEPSK
TVGQLLKEHNAEVTGFIRFEVGEGIEKVETDFAAEVAAMSKQSHMSKEKFERTKPHVNVGTIGHVDHGKTTLTAAITTVL
AKTYGGAARAFDQIDNAPEEKARGITINTSHVEYDTPTRHYAHVDCPGHADYVKNMITGAAQMDGAILVVAATDGPMPQT
REHILLGRQVGVPYIIVFLNKCDMVDDEELLELVEMEVRELLSQYDFPGDDTPIVRGSALKALEGDAEWEAKILELAGFL
DSYIPEPERAIDKPFLLPIEDVFSISGRGTVVTGRVERGIIKVGEEVEIVGIKETQKSTCTGVEMFRKLLDEGRAGENVG
VLLRGIKREEIERGQVLAKPGTIKPHTKFESEVYILSKDEGGRHTPFFKGYRPQFYFRTTDVTGTIELPEGVEMVMPGDN
IKMVVTLIHPIAMDDGLRFAIREGGRTVGAGVVAKVLSGASGAAGGGGSGGGGSMSKTASSRNSLSAQLRRAANTRIEVE
GNLALSIANDLLLAYGQSPFNSEAECISFSPRFDGTPDDFRINYLKAEIMSKYDDFSLGIDTEAVAWEKFLAAEAECALT
NARLYRPDYSEDFNFSLGESCIHMARRKIAKLIGDVPSVEGMLRHCRFSGGATTTNNRSYGHPSFKFALPQACTPRALKY
VLALRASTHFDIRISDISPFNKAVTVPKNSKTDRCIAIEPGWNMFFQLGIGGILRDRLRCWGIDLNDQTINQRRAHEGSV
TNNLATVDLSAASDSISLALCELLLPPGWFEVLMDLRSPKGRLPDGSVVTYEKISSMGNGYTFELESLIFASLARSVCEI
LDLDSSEVTVYGDDIILPSCAVPALREVFKYVGFTTNTKKTFSEGPFRESCGKHYYSGVDVTPFYIRHRIVSPADLILVL
NNLYRWATIDGVWDPRAHSVYLKYRKLLPKQLQRNTIPDGYGDGALVGSVLINPFAKNRGWIRYVPVITDHTRDRERAEL
GSYLYDLFSRCLSESNDGLPLRGPSGCDSADLFAIDQLICRSNPTKISRSTGKFDIQYIACSSRVLAPYGVFQGTKVASL
HEAHHHHHH
;
_entity_poly.pdbx_strand_id   A
#
loop_
_chem_comp.id
_chem_comp.type
_chem_comp.name
_chem_comp.formula
MG non-polymer 'MAGNESIUM ION' 'Mg 2'
#
# COMPACT_ATOMS: atom_id res chain seq x y z
N THR A 5 -37.22 5.78 -48.54
CA THR A 5 -35.99 5.40 -49.22
C THR A 5 -34.78 5.64 -48.32
N ALA A 6 -33.76 4.80 -48.48
CA ALA A 6 -32.55 4.90 -47.67
C ALA A 6 -31.57 5.95 -48.21
N SER A 7 -31.31 5.89 -49.51
CA SER A 7 -30.31 6.73 -50.14
C SER A 7 -30.54 8.22 -49.90
N LEU A 8 -31.65 8.57 -49.28
CA LEU A 8 -31.96 9.99 -49.05
C LEU A 8 -32.21 10.36 -47.57
N VAL A 9 -32.20 9.36 -46.69
CA VAL A 9 -32.21 9.65 -45.26
C VAL A 9 -30.78 9.84 -44.77
N LYS A 10 -29.84 9.74 -45.70
CA LYS A 10 -28.42 9.94 -45.41
C LYS A 10 -27.98 11.37 -45.72
N GLU A 11 -28.69 12.02 -46.64
CA GLU A 11 -28.44 13.42 -46.93
C GLU A 11 -28.98 14.28 -45.78
N LEU A 12 -29.94 13.72 -45.04
CA LEU A 12 -30.55 14.45 -43.93
C LEU A 12 -29.87 14.07 -42.61
N ARG A 13 -29.22 12.91 -42.61
CA ARG A 13 -28.46 12.46 -41.46
C ARG A 13 -27.08 13.12 -41.47
N GLU A 14 -26.55 13.35 -42.67
CA GLU A 14 -25.24 13.97 -42.83
C GLU A 14 -25.31 15.50 -42.92
N ARG A 15 -26.47 16.06 -42.61
CA ARG A 15 -26.62 17.51 -42.48
C ARG A 15 -27.07 17.89 -41.07
N THR A 16 -27.53 16.91 -40.30
CA THR A 16 -27.96 17.15 -38.93
C THR A 16 -26.92 16.65 -37.93
N GLY A 17 -26.79 15.32 -37.85
CA GLY A 17 -25.97 14.68 -36.85
C GLY A 17 -26.85 13.85 -35.95
N ALA A 18 -28.17 13.99 -36.13
CA ALA A 18 -29.17 13.25 -35.37
C ALA A 18 -29.21 11.80 -35.82
N GLY A 19 -30.07 11.01 -35.17
CA GLY A 19 -30.11 9.57 -35.36
C GLY A 19 -30.59 9.06 -36.71
N MET A 20 -30.38 7.78 -36.96
CA MET A 20 -30.73 7.15 -38.23
C MET A 20 -32.20 6.71 -38.27
N MET A 21 -32.73 6.34 -37.10
CA MET A 21 -34.15 6.02 -36.98
C MET A 21 -34.90 7.22 -36.42
N ASP A 22 -34.17 8.31 -36.27
CA ASP A 22 -34.78 9.61 -36.01
C ASP A 22 -34.67 10.45 -37.28
N CYS A 23 -33.98 9.90 -38.28
CA CYS A 23 -33.87 10.54 -39.60
C CYS A 23 -34.82 9.93 -40.62
N LYS A 24 -35.06 8.63 -40.49
CA LYS A 24 -36.00 7.90 -41.36
C LYS A 24 -37.44 7.95 -40.82
N LYS A 25 -37.60 8.25 -39.54
CA LYS A 25 -38.92 8.28 -38.91
C LYS A 25 -39.53 9.69 -38.87
N ALA A 26 -38.67 10.70 -38.85
CA ALA A 26 -39.13 12.08 -38.93
C ALA A 26 -39.24 12.48 -40.40
N LEU A 27 -38.80 11.58 -41.28
CA LEU A 27 -38.86 11.81 -42.72
C LEU A 27 -40.17 11.27 -43.31
N THR A 28 -40.74 10.26 -42.65
CA THR A 28 -42.04 9.74 -43.04
C THR A 28 -43.14 10.68 -42.55
N GLU A 29 -42.77 11.60 -41.67
CA GLU A 29 -43.71 12.60 -41.15
C GLU A 29 -43.79 13.84 -42.04
N ALA A 30 -42.69 14.13 -42.75
CA ALA A 30 -42.67 15.21 -43.74
C ALA A 30 -43.03 14.64 -45.11
N ASN A 31 -43.65 13.47 -45.07
CA ASN A 31 -44.06 12.69 -46.26
C ASN A 31 -42.91 12.36 -47.22
N GLY A 32 -41.77 13.00 -46.98
CA GLY A 32 -40.59 12.83 -47.83
C GLY A 32 -39.94 14.15 -48.21
N ASP A 33 -39.87 15.08 -47.26
CA ASP A 33 -39.31 16.40 -47.54
C ASP A 33 -38.03 16.74 -46.75
N ILE A 34 -37.03 17.26 -47.47
CA ILE A 34 -35.70 17.51 -46.91
C ILE A 34 -35.61 18.65 -45.88
N GLU A 35 -35.92 19.88 -46.28
CA GLU A 35 -35.86 21.02 -45.36
C GLU A 35 -37.01 20.97 -44.35
N LEU A 36 -38.01 20.14 -44.66
CA LEU A 36 -39.16 19.97 -43.79
C LEU A 36 -38.75 19.14 -42.59
N ALA A 37 -38.19 17.96 -42.87
CA ALA A 37 -37.76 17.04 -41.82
C ALA A 37 -36.70 17.66 -40.91
N ILE A 38 -35.85 18.51 -41.46
CA ILE A 38 -34.80 19.14 -40.67
C ILE A 38 -35.37 20.16 -39.67
N GLU A 39 -36.39 20.88 -40.10
CA GLU A 39 -36.97 21.91 -39.25
C GLU A 39 -37.88 21.25 -38.20
N ASN A 40 -38.54 20.16 -38.58
CA ASN A 40 -39.37 19.42 -37.64
C ASN A 40 -38.52 18.80 -36.53
N MET A 41 -37.37 18.26 -36.93
CA MET A 41 -36.44 17.67 -35.97
C MET A 41 -35.87 18.73 -35.05
N ARG A 42 -35.70 19.94 -35.59
CA ARG A 42 -35.17 21.04 -34.81
C ARG A 42 -35.94 21.20 -33.51
N LYS A 43 -37.19 21.65 -33.61
CA LYS A 43 -38.02 21.90 -32.43
C LYS A 43 -38.34 20.62 -31.64
N SER A 44 -38.52 19.51 -32.35
CA SER A 44 -38.75 18.25 -31.68
C SER A 44 -37.46 17.77 -31.04
N GLY A 45 -36.42 18.61 -31.06
CA GLY A 45 -35.11 18.23 -30.61
C GLY A 45 -34.69 18.76 -29.25
N ALA A 46 -35.50 19.66 -28.68
CA ALA A 46 -35.20 20.21 -27.37
C ALA A 46 -35.87 19.38 -26.27
N ILE A 47 -36.76 18.49 -26.67
CA ILE A 47 -37.34 17.51 -25.75
C ILE A 47 -36.28 16.46 -25.44
N LYS A 48 -35.41 16.21 -26.41
CA LYS A 48 -34.26 15.32 -26.23
C LYS A 48 -33.42 15.85 -25.07
N ALA A 49 -32.96 17.10 -25.22
CA ALA A 49 -32.17 17.77 -24.21
C ALA A 49 -32.82 17.68 -22.82
N ALA A 50 -34.09 18.09 -22.74
CA ALA A 50 -34.82 18.10 -21.48
C ALA A 50 -34.91 16.71 -20.90
N LYS A 51 -34.97 15.71 -21.77
CA LYS A 51 -35.02 14.31 -21.37
C LYS A 51 -33.66 13.91 -20.82
N LYS A 52 -32.64 14.68 -21.19
CA LYS A 52 -31.26 14.40 -20.83
C LYS A 52 -30.86 14.85 -19.42
N ALA A 53 -31.27 16.06 -19.04
CA ALA A 53 -30.84 16.65 -17.77
C ALA A 53 -31.25 15.85 -16.53
N GLY A 54 -31.73 14.62 -16.73
CA GLY A 54 -31.99 13.70 -15.64
C GLY A 54 -30.82 12.77 -15.39
N ASN A 55 -29.73 13.02 -16.13
CA ASN A 55 -28.48 12.27 -15.97
C ASN A 55 -27.41 13.17 -15.34
N VAL A 56 -26.45 12.56 -14.67
CA VAL A 56 -25.39 13.32 -14.01
C VAL A 56 -24.28 13.72 -14.97
N ALA A 57 -24.05 15.03 -15.10
CA ALA A 57 -22.97 15.55 -15.95
C ALA A 57 -21.74 15.87 -15.11
N ALA A 58 -20.73 15.01 -15.19
CA ALA A 58 -19.59 15.08 -14.28
C ALA A 58 -18.28 15.53 -14.93
N ASP A 59 -18.03 15.10 -16.16
CA ASP A 59 -16.77 15.44 -16.83
C ASP A 59 -16.86 16.81 -17.52
N GLY A 60 -16.08 17.02 -18.57
CA GLY A 60 -16.10 18.30 -19.28
C GLY A 60 -14.82 19.11 -19.13
N VAL A 61 -14.69 20.21 -19.87
CA VAL A 61 -13.45 20.97 -19.87
C VAL A 61 -13.55 22.30 -19.15
N ILE A 62 -12.43 23.01 -19.08
CA ILE A 62 -12.35 24.37 -18.56
C ILE A 62 -11.67 25.28 -19.56
N LYS A 63 -12.05 26.55 -19.59
CA LYS A 63 -11.57 27.49 -20.60
C LYS A 63 -11.24 28.88 -20.02
N THR A 64 -10.16 29.49 -20.52
CA THR A 64 -9.67 30.76 -19.99
C THR A 64 -9.18 31.72 -21.10
N LYS A 65 -9.62 32.98 -21.03
CA LYS A 65 -9.15 34.04 -21.96
C LYS A 65 -8.95 35.40 -21.28
N ILE A 66 -7.80 36.02 -21.54
CA ILE A 66 -7.45 37.33 -20.95
C ILE A 66 -7.16 38.43 -22.00
N ASP A 67 -7.72 39.62 -21.74
CA ASP A 67 -7.62 40.74 -22.67
C ASP A 67 -6.82 41.85 -22.01
N GLY A 68 -5.55 41.96 -22.40
CA GLY A 68 -4.66 42.93 -21.79
C GLY A 68 -4.48 42.65 -20.32
N ASN A 69 -5.54 42.90 -19.54
CA ASN A 69 -5.60 42.46 -18.15
C ASN A 69 -7.03 42.25 -17.66
N TYR A 70 -7.90 41.85 -18.60
CA TYR A 70 -9.24 41.40 -18.25
C TYR A 70 -9.45 39.95 -18.71
N GLY A 71 -9.56 39.03 -17.75
CA GLY A 71 -9.67 37.61 -18.06
C GLY A 71 -10.96 36.93 -17.60
N ILE A 72 -11.18 35.71 -18.08
CA ILE A 72 -12.37 34.93 -17.72
C ILE A 72 -12.17 33.42 -17.87
N ILE A 73 -12.95 32.65 -17.11
CA ILE A 73 -12.87 31.19 -17.09
C ILE A 73 -14.25 30.55 -16.84
N LEU A 74 -14.63 29.58 -17.65
CA LEU A 74 -15.90 28.88 -17.44
C LEU A 74 -15.79 27.38 -17.72
N GLU A 75 -16.32 26.58 -16.79
CA GLU A 75 -16.35 25.13 -16.98
C GLU A 75 -17.69 24.68 -17.53
N VAL A 76 -17.65 24.12 -18.74
CA VAL A 76 -18.84 23.53 -19.34
C VAL A 76 -18.78 22.00 -19.22
N ASN A 77 -19.85 21.42 -18.68
CA ASN A 77 -19.85 20.00 -18.35
C ASN A 77 -20.46 19.12 -19.43
N CYS A 78 -19.92 17.90 -19.53
CA CYS A 78 -20.59 16.80 -20.23
C CYS A 78 -20.73 15.68 -19.22
N GLN A 79 -20.98 14.46 -19.69
CA GLN A 79 -21.03 13.33 -18.75
C GLN A 79 -19.96 12.30 -19.02
N THR A 80 -19.29 12.42 -20.16
CA THR A 80 -18.20 11.50 -20.49
C THR A 80 -16.88 12.16 -20.91
N ASP A 81 -15.81 11.67 -20.31
CA ASP A 81 -14.45 12.04 -20.67
C ASP A 81 -14.32 12.24 -22.18
N PHE A 82 -14.46 11.15 -22.92
CA PHE A 82 -14.33 11.14 -24.38
C PHE A 82 -14.90 12.39 -25.04
N VAL A 83 -16.12 12.76 -24.65
CA VAL A 83 -16.78 13.92 -25.23
C VAL A 83 -15.97 15.20 -25.00
N ALA A 84 -15.57 15.41 -23.76
CA ALA A 84 -14.84 16.62 -23.38
C ALA A 84 -13.72 16.98 -24.33
N LYS A 85 -13.19 16.00 -25.06
CA LYS A 85 -12.07 16.25 -25.96
C LYS A 85 -12.37 15.94 -27.42
N ASP A 86 -13.65 16.01 -27.79
CA ASP A 86 -14.09 15.69 -29.15
C ASP A 86 -13.97 16.88 -30.12
N ALA A 87 -13.99 16.58 -31.42
CA ALA A 87 -13.92 17.60 -32.48
C ALA A 87 -14.93 18.74 -32.26
N GLY A 88 -16.13 18.38 -31.83
CA GLY A 88 -17.22 19.34 -31.71
C GLY A 88 -17.35 20.03 -30.37
N PHE A 89 -17.31 19.25 -29.28
CA PHE A 89 -17.51 19.79 -27.94
C PHE A 89 -16.50 20.86 -27.58
N GLN A 90 -15.39 20.93 -28.31
CA GLN A 90 -14.44 22.00 -28.10
C GLN A 90 -14.88 23.27 -28.86
N ALA A 91 -15.43 23.07 -30.06
CA ALA A 91 -15.92 24.18 -30.87
C ALA A 91 -17.07 24.95 -30.20
N PHE A 92 -17.90 24.25 -29.43
CA PHE A 92 -19.01 24.89 -28.72
C PHE A 92 -18.54 25.60 -27.46
N ALA A 93 -17.75 24.91 -26.65
CA ALA A 93 -17.26 25.48 -25.39
C ALA A 93 -16.15 26.50 -25.63
N ASP A 94 -15.75 26.66 -26.90
CA ASP A 94 -14.79 27.70 -27.29
C ASP A 94 -15.49 28.96 -27.79
N LYS A 95 -16.67 28.79 -28.38
CA LYS A 95 -17.51 29.91 -28.79
C LYS A 95 -18.16 30.56 -27.57
N VAL A 96 -18.63 29.74 -26.64
CA VAL A 96 -19.27 30.24 -25.41
C VAL A 96 -18.22 30.80 -24.44
N LEU A 97 -16.96 30.77 -24.86
CA LEU A 97 -15.86 31.37 -24.08
C LEU A 97 -15.38 32.65 -24.77
N ASP A 98 -15.45 32.67 -26.10
CA ASP A 98 -15.06 33.83 -26.90
C ASP A 98 -16.10 34.94 -26.82
N ALA A 99 -17.38 34.56 -26.81
CA ALA A 99 -18.48 35.52 -26.75
C ALA A 99 -18.78 35.94 -25.32
N ALA A 100 -18.08 35.33 -24.37
CA ALA A 100 -18.21 35.68 -22.97
C ALA A 100 -17.19 36.74 -22.58
N VAL A 101 -16.12 36.84 -23.38
CA VAL A 101 -15.05 37.81 -23.16
C VAL A 101 -15.40 39.20 -23.71
N ALA A 102 -15.58 39.28 -25.03
CA ALA A 102 -16.03 40.49 -25.69
C ALA A 102 -17.28 40.99 -24.97
N GLY A 103 -18.42 40.38 -25.26
CA GLY A 103 -19.64 40.63 -24.51
C GLY A 103 -19.50 40.04 -23.12
N LYS A 104 -18.85 40.78 -22.23
CA LYS A 104 -18.48 40.29 -20.91
C LYS A 104 -19.67 39.87 -20.07
N ILE A 105 -19.68 38.59 -19.70
CA ILE A 105 -20.81 38.00 -18.97
C ILE A 105 -20.37 37.42 -17.63
N THR A 106 -20.60 38.14 -16.54
CA THR A 106 -20.39 37.57 -15.22
C THR A 106 -21.58 36.72 -14.81
N ASP A 107 -22.77 37.33 -14.81
CA ASP A 107 -23.99 36.60 -14.46
C ASP A 107 -24.11 35.39 -15.39
N VAL A 108 -24.36 34.23 -14.79
CA VAL A 108 -24.34 32.96 -15.50
C VAL A 108 -25.51 32.79 -16.47
N GLU A 109 -26.72 33.04 -15.97
CA GLU A 109 -27.93 32.80 -16.76
C GLU A 109 -27.88 33.45 -18.14
N VAL A 110 -27.18 34.57 -18.23
CA VAL A 110 -27.03 35.31 -19.47
C VAL A 110 -26.77 34.36 -20.65
N LEU A 111 -25.63 33.69 -20.63
CA LEU A 111 -25.18 32.89 -21.77
C LEU A 111 -25.78 31.48 -21.81
N LYS A 112 -26.28 31.01 -20.68
CA LYS A 112 -26.93 29.69 -20.64
C LYS A 112 -28.20 29.70 -21.49
N ALA A 113 -28.86 30.86 -21.57
CA ALA A 113 -30.09 31.01 -22.35
C ALA A 113 -29.87 31.76 -23.67
N GLN A 114 -28.75 32.48 -23.74
CA GLN A 114 -28.34 33.17 -24.97
C GLN A 114 -27.77 32.18 -25.98
N PHE A 115 -27.42 31.01 -25.47
CA PHE A 115 -26.92 29.89 -26.27
C PHE A 115 -27.93 28.74 -26.25
N GLU A 116 -28.72 28.69 -25.18
CA GLU A 116 -29.68 27.62 -24.90
C GLU A 116 -30.24 26.88 -26.12
N GLU A 117 -30.37 27.59 -27.23
CA GLU A 117 -30.89 26.98 -28.45
C GLU A 117 -29.83 26.12 -29.12
N GLU A 118 -28.65 26.69 -29.28
CA GLU A 118 -27.51 25.96 -29.84
C GLU A 118 -27.01 24.88 -28.89
N ARG A 119 -27.54 24.87 -27.67
CA ARG A 119 -27.14 23.88 -26.66
C ARG A 119 -27.94 22.60 -26.81
N VAL A 120 -29.14 22.72 -27.37
CA VAL A 120 -29.92 21.53 -27.75
C VAL A 120 -29.50 21.10 -29.16
N ALA A 121 -28.61 21.89 -29.77
CA ALA A 121 -28.05 21.60 -31.09
C ALA A 121 -26.82 20.67 -30.98
N LEU A 122 -26.46 20.33 -29.75
CA LEU A 122 -25.42 19.34 -29.50
C LEU A 122 -26.02 18.08 -28.88
N VAL A 123 -26.69 18.25 -27.73
CA VAL A 123 -27.31 17.14 -27.02
C VAL A 123 -28.04 16.24 -28.01
N ALA A 124 -28.53 16.84 -29.09
CA ALA A 124 -29.21 16.11 -30.15
C ALA A 124 -28.21 15.26 -30.93
N LYS A 125 -27.21 15.92 -31.51
CA LYS A 125 -26.22 15.25 -32.34
C LYS A 125 -25.40 14.21 -31.58
N ILE A 126 -25.16 14.47 -30.29
CA ILE A 126 -24.29 13.62 -29.48
C ILE A 126 -25.04 12.70 -28.51
N GLY A 127 -25.91 13.29 -27.70
CA GLY A 127 -26.70 12.50 -26.78
C GLY A 127 -26.12 12.40 -25.39
N GLU A 128 -25.47 13.48 -24.95
CA GLU A 128 -24.94 13.54 -23.60
C GLU A 128 -25.45 14.81 -22.90
N ASN A 129 -25.78 14.68 -21.63
CA ASN A 129 -26.21 15.85 -20.86
C ASN A 129 -25.08 16.86 -20.78
N ILE A 130 -25.20 17.93 -21.57
CA ILE A 130 -24.17 18.94 -21.69
C ILE A 130 -24.67 20.31 -21.23
N ASN A 131 -24.38 20.65 -19.97
CA ASN A 131 -24.84 21.90 -19.37
C ASN A 131 -23.69 22.85 -19.03
N ILE A 132 -23.55 23.93 -19.79
CA ILE A 132 -22.55 24.96 -19.50
C ILE A 132 -22.81 25.56 -18.13
N ARG A 133 -22.20 24.98 -17.11
CA ARG A 133 -22.42 25.38 -15.74
C ARG A 133 -21.54 26.57 -15.39
N ARG A 134 -21.56 26.96 -14.12
CA ARG A 134 -20.96 28.21 -13.61
C ARG A 134 -19.81 28.88 -14.41
N VAL A 135 -19.86 30.21 -14.43
CA VAL A 135 -18.83 31.04 -15.04
C VAL A 135 -18.62 32.29 -14.19
N ALA A 136 -17.38 32.78 -14.19
CA ALA A 136 -17.03 34.02 -13.52
C ALA A 136 -15.84 34.65 -14.24
N ALA A 137 -15.48 35.87 -13.83
CA ALA A 137 -14.33 36.55 -14.41
C ALA A 137 -13.61 37.44 -13.39
N LEU A 138 -12.33 37.68 -13.63
CA LEU A 138 -11.50 38.46 -12.73
C LEU A 138 -10.64 39.43 -13.52
N GLU A 139 -10.37 40.60 -12.93
CA GLU A 139 -9.48 41.56 -13.56
C GLU A 139 -8.59 42.24 -12.51
N GLY A 140 -7.31 42.31 -12.82
CA GLY A 140 -6.34 42.95 -11.95
C GLY A 140 -5.43 43.77 -12.83
N ASP A 141 -4.27 44.13 -12.30
CA ASP A 141 -3.32 44.93 -13.05
C ASP A 141 -2.52 44.05 -14.02
N VAL A 142 -1.84 43.05 -13.48
CA VAL A 142 -1.30 41.96 -14.28
C VAL A 142 -1.96 40.69 -13.78
N LEU A 143 -2.91 40.16 -14.55
CA LEU A 143 -3.58 38.91 -14.18
C LEU A 143 -3.22 37.78 -15.16
N GLY A 144 -2.70 36.68 -14.63
CA GLY A 144 -2.23 35.56 -15.44
C GLY A 144 -3.08 34.32 -15.29
N SER A 145 -2.84 33.35 -16.18
CA SER A 145 -3.60 32.10 -16.20
C SER A 145 -2.75 30.84 -16.44
N TYR A 146 -3.18 29.73 -15.86
CA TYR A 146 -2.55 28.44 -16.11
C TYR A 146 -3.59 27.37 -16.45
N GLN A 147 -3.29 26.55 -17.45
CA GLN A 147 -4.22 25.54 -17.92
C GLN A 147 -3.58 24.15 -17.97
N HIS A 148 -4.07 23.26 -17.11
CA HIS A 148 -3.58 21.89 -16.99
C HIS A 148 -4.37 20.95 -17.89
N GLY A 149 -3.89 20.73 -19.11
CA GLY A 149 -4.62 19.94 -20.09
C GLY A 149 -5.96 20.55 -20.44
N ALA A 150 -6.90 20.49 -19.48
CA ALA A 150 -8.19 21.14 -19.61
C ALA A 150 -9.11 20.77 -18.45
N ARG A 151 -8.60 20.00 -17.49
CA ARG A 151 -9.44 19.53 -16.38
C ARG A 151 -9.54 20.57 -15.27
N ILE A 152 -8.57 21.46 -15.19
CA ILE A 152 -8.54 22.41 -14.10
C ILE A 152 -7.95 23.74 -14.61
N GLY A 153 -8.55 24.86 -14.21
CA GLY A 153 -8.14 26.17 -14.69
C GLY A 153 -8.08 27.24 -13.63
N VAL A 154 -6.98 28.00 -13.62
CA VAL A 154 -6.76 29.05 -12.64
C VAL A 154 -6.76 30.45 -13.23
N LEU A 155 -7.28 31.39 -12.45
CA LEU A 155 -7.35 32.79 -12.85
C LEU A 155 -6.83 33.66 -11.71
N VAL A 156 -5.65 34.22 -11.92
CA VAL A 156 -4.94 34.94 -10.86
C VAL A 156 -4.65 36.40 -11.21
N ALA A 157 -5.20 37.33 -10.44
CA ALA A 157 -4.92 38.76 -10.63
C ALA A 157 -3.95 39.23 -9.55
N ALA A 158 -2.84 39.82 -9.97
CA ALA A 158 -1.78 40.21 -9.04
C ALA A 158 -1.25 41.59 -9.36
N LYS A 159 -1.81 42.60 -8.72
CA LYS A 159 -1.41 43.99 -8.92
C LYS A 159 -0.02 44.33 -8.36
N GLY A 160 1.01 44.07 -9.15
CA GLY A 160 2.37 44.41 -8.75
C GLY A 160 3.40 43.42 -9.23
N ALA A 161 3.11 42.70 -10.30
CA ALA A 161 4.01 41.66 -10.76
C ALA A 161 4.19 41.62 -12.27
N ASP A 162 5.15 40.80 -12.74
CA ASP A 162 5.36 40.59 -14.17
C ASP A 162 4.57 39.39 -14.73
N GLU A 163 5.14 38.70 -15.72
CA GLU A 163 4.45 37.58 -16.37
C GLU A 163 4.95 36.21 -15.90
N GLU A 164 6.26 36.06 -15.77
CA GLU A 164 6.84 34.84 -15.24
C GLU A 164 6.34 34.56 -13.83
N LEU A 165 6.01 35.61 -13.10
CA LEU A 165 5.56 35.44 -11.73
C LEU A 165 4.12 34.91 -11.64
N VAL A 166 3.18 35.49 -12.40
CA VAL A 166 1.78 35.02 -12.38
C VAL A 166 1.56 33.64 -13.02
N LYS A 167 2.31 33.35 -14.09
CA LYS A 167 2.32 32.02 -14.68
C LYS A 167 2.58 31.02 -13.56
N HIS A 168 3.61 31.30 -12.77
CA HIS A 168 4.04 30.42 -11.68
C HIS A 168 3.13 30.42 -10.45
N ILE A 169 2.52 31.56 -10.14
CA ILE A 169 1.56 31.62 -9.04
C ILE A 169 0.17 31.16 -9.50
N ALA A 170 -0.04 31.12 -10.80
CA ALA A 170 -1.23 30.47 -11.35
C ALA A 170 -1.07 28.96 -11.16
N MET A 171 0.14 28.48 -11.35
CA MET A 171 0.47 27.07 -11.22
C MET A 171 0.48 26.62 -9.76
N HIS A 172 0.93 27.49 -8.86
CA HIS A 172 0.86 27.15 -7.43
C HIS A 172 -0.57 27.09 -6.91
N VAL A 173 -1.45 27.95 -7.41
CA VAL A 173 -2.86 27.87 -7.04
C VAL A 173 -3.48 26.70 -7.76
N ALA A 174 -3.08 26.54 -9.02
CA ALA A 174 -3.52 25.41 -9.82
C ALA A 174 -3.29 24.12 -9.07
N ALA A 175 -2.16 24.03 -8.39
CA ALA A 175 -1.81 22.84 -7.63
C ALA A 175 -1.59 23.14 -6.15
N SER A 176 -2.65 23.55 -5.46
CA SER A 176 -2.60 23.78 -4.02
C SER A 176 -3.94 24.22 -3.45
N LYS A 177 -4.84 24.65 -4.32
CA LYS A 177 -6.22 24.95 -3.94
C LYS A 177 -6.39 25.93 -2.77
N PRO A 178 -5.61 27.02 -2.74
CA PRO A 178 -5.81 27.97 -1.63
C PRO A 178 -7.24 28.51 -1.67
N GLU A 179 -7.94 28.47 -0.54
CA GLU A 179 -9.32 28.98 -0.46
C GLU A 179 -9.34 30.51 -0.30
N PHE A 180 -8.35 31.04 0.40
CA PHE A 180 -8.21 32.48 0.58
C PHE A 180 -6.87 32.94 0.03
N ILE A 181 -6.79 34.24 -0.26
CA ILE A 181 -5.57 34.83 -0.80
C ILE A 181 -4.59 35.22 0.31
N LYS A 182 -5.11 35.37 1.52
CA LYS A 182 -4.30 35.71 2.68
C LYS A 182 -4.97 35.23 3.97
N PRO A 183 -4.18 34.96 5.03
CA PRO A 183 -4.68 34.33 6.24
C PRO A 183 -5.62 35.21 7.07
N GLU A 184 -5.96 36.40 6.57
CA GLU A 184 -6.85 37.31 7.31
C GLU A 184 -8.25 37.28 6.73
N ASP A 185 -8.34 36.97 5.44
CA ASP A 185 -9.62 36.89 4.74
C ASP A 185 -10.58 35.92 5.43
N VAL A 186 -10.07 35.17 6.39
CA VAL A 186 -10.87 34.17 7.09
C VAL A 186 -12.20 34.74 7.55
N SER A 187 -13.29 34.10 7.10
CA SER A 187 -14.62 34.45 7.57
C SER A 187 -14.57 34.61 9.09
N ALA A 188 -14.55 35.85 9.55
CA ALA A 188 -14.36 36.15 10.98
C ALA A 188 -15.38 35.44 11.88
N GLU A 189 -16.37 34.80 11.26
CA GLU A 189 -17.34 34.01 12.00
C GLU A 189 -17.03 32.52 11.88
N VAL A 190 -16.58 32.10 10.70
CA VAL A 190 -16.17 30.72 10.47
C VAL A 190 -15.01 30.36 11.39
N VAL A 191 -14.41 31.38 11.99
CA VAL A 191 -13.23 31.21 12.84
C VAL A 191 -13.54 31.49 14.32
N GLU A 192 -14.48 32.40 14.59
CA GLU A 192 -14.86 32.70 15.97
C GLU A 192 -15.65 31.53 16.58
N LYS A 193 -15.86 30.48 15.78
CA LYS A 193 -16.68 29.34 16.22
C LYS A 193 -16.02 27.95 16.01
N GLU A 194 -15.16 27.81 15.01
CA GLU A 194 -14.37 26.56 14.87
C GLU A 194 -13.22 26.51 15.88
N TYR A 195 -12.93 27.68 16.48
CA TYR A 195 -12.01 27.77 17.63
C TYR A 195 -12.77 27.67 18.96
N GLN A 196 -14.07 27.96 18.92
CA GLN A 196 -14.91 27.81 20.11
C GLN A 196 -15.54 26.41 20.12
N VAL A 197 -15.22 25.61 19.10
CA VAL A 197 -15.62 24.21 19.02
C VAL A 197 -14.44 23.23 19.14
N GLN A 198 -13.25 23.66 18.74
CA GLN A 198 -12.05 22.87 18.97
C GLN A 198 -11.51 23.16 20.38
N LEU A 199 -12.04 24.20 21.01
CA LEU A 199 -11.67 24.58 22.38
C LEU A 199 -12.19 23.55 23.39
N ASP A 200 -13.02 22.63 22.91
CA ASP A 200 -13.50 21.53 23.74
C ASP A 200 -12.68 20.28 23.43
N ILE A 201 -12.35 20.13 22.15
CA ILE A 201 -11.53 19.01 21.67
C ILE A 201 -10.45 18.66 22.69
N ALA A 202 -9.97 19.67 23.40
CA ALA A 202 -8.93 19.47 24.37
C ALA A 202 -9.34 19.88 25.80
N MET A 203 -10.37 20.72 25.90
CA MET A 203 -10.84 21.17 27.21
C MET A 203 -11.57 20.07 27.97
N GLN A 204 -12.17 19.14 27.23
CA GLN A 204 -12.74 17.94 27.83
C GLN A 204 -11.67 16.90 28.19
N SER A 205 -10.69 16.73 27.30
CA SER A 205 -9.56 15.82 27.54
C SER A 205 -8.83 16.19 28.85
N GLY A 206 -9.32 17.22 29.55
CA GLY A 206 -8.83 17.55 30.87
C GLY A 206 -7.83 18.68 30.94
N LYS A 207 -7.33 19.11 29.77
CA LYS A 207 -6.29 20.14 29.73
C LYS A 207 -6.81 21.47 30.30
N PRO A 208 -5.97 22.19 31.07
CA PRO A 208 -6.35 23.44 31.74
C PRO A 208 -6.54 24.60 30.76
N LYS A 209 -7.70 25.23 30.83
CA LYS A 209 -8.08 26.30 29.91
C LYS A 209 -6.94 26.71 28.97
N GLU A 210 -6.04 27.51 29.52
CA GLU A 210 -5.00 28.23 28.78
C GLU A 210 -4.12 27.33 27.89
N ILE A 211 -4.29 26.03 28.02
CA ILE A 211 -3.56 25.07 27.20
C ILE A 211 -4.42 24.75 25.99
N ALA A 212 -5.67 24.40 26.27
CA ALA A 212 -6.65 24.19 25.21
C ALA A 212 -6.72 25.45 24.37
N GLU A 213 -6.73 26.60 25.04
CA GLU A 213 -6.79 27.89 24.38
C GLU A 213 -5.58 28.10 23.47
N LYS A 214 -4.39 28.07 24.06
CA LYS A 214 -3.17 28.27 23.29
C LYS A 214 -3.03 27.18 22.23
N MET A 215 -3.43 25.97 22.58
CA MET A 215 -3.33 24.84 21.67
C MET A 215 -4.28 25.00 20.51
N VAL A 216 -5.56 25.17 20.81
CA VAL A 216 -6.53 25.37 19.75
C VAL A 216 -6.06 26.44 18.77
N GLU A 217 -5.41 27.45 19.31
CA GLU A 217 -5.01 28.60 18.51
C GLU A 217 -3.75 28.36 17.69
N GLY A 218 -2.75 27.74 18.30
CA GLY A 218 -1.57 27.35 17.55
C GLY A 218 -2.07 26.53 16.38
N ARG A 219 -3.01 25.64 16.69
CA ARG A 219 -3.68 24.81 15.69
C ARG A 219 -4.42 25.67 14.68
N MET A 220 -5.37 26.44 15.18
CA MET A 220 -6.18 27.33 14.36
C MET A 220 -5.33 28.27 13.53
N LYS A 221 -4.15 28.63 14.05
CA LYS A 221 -3.20 29.44 13.33
C LYS A 221 -2.67 28.76 12.07
N LYS A 222 -2.50 27.44 12.14
CA LYS A 222 -2.04 26.66 11.00
C LYS A 222 -3.20 26.28 10.08
N PHE A 223 -4.31 25.87 10.70
CA PHE A 223 -5.58 25.69 10.00
C PHE A 223 -5.69 26.77 8.91
N THR A 224 -5.50 28.01 9.33
CA THR A 224 -5.49 29.14 8.41
C THR A 224 -4.21 29.17 7.58
N GLY A 225 -3.09 29.43 8.25
CA GLY A 225 -1.81 29.56 7.58
C GLY A 225 -1.67 28.74 6.32
N GLU A 226 -1.97 27.44 6.42
CA GLU A 226 -1.78 26.52 5.30
C GLU A 226 -2.79 26.69 4.15
N VAL A 227 -4.07 26.83 4.48
CA VAL A 227 -5.12 26.91 3.47
C VAL A 227 -5.21 28.29 2.79
N SER A 228 -4.13 29.05 2.88
CA SER A 228 -4.12 30.41 2.37
C SER A 228 -2.87 30.69 1.55
N LEU A 229 -3.07 31.14 0.31
CA LEU A 229 -1.97 31.35 -0.64
C LEU A 229 -0.77 32.07 -0.02
N THR A 230 -0.99 32.70 1.13
CA THR A 230 0.10 33.30 1.88
C THR A 230 0.94 32.21 2.50
N GLY A 231 0.35 31.47 3.43
CA GLY A 231 1.02 30.39 4.13
C GLY A 231 0.95 29.06 3.39
N GLN A 232 1.19 29.10 2.09
CA GLN A 232 1.30 27.90 1.27
C GLN A 232 2.65 27.86 0.59
N PRO A 233 3.57 27.04 1.11
CA PRO A 233 4.92 26.94 0.55
C PRO A 233 4.88 26.84 -0.97
N PHE A 234 5.53 27.79 -1.64
CA PHE A 234 5.50 27.84 -3.09
C PHE A 234 5.85 26.50 -3.71
N VAL A 235 5.22 26.19 -4.84
CA VAL A 235 5.28 24.86 -5.42
C VAL A 235 6.55 24.60 -6.27
N MET A 236 7.35 25.63 -6.49
CA MET A 236 8.61 25.43 -7.20
C MET A 236 9.81 25.78 -6.32
N GLU A 237 9.50 26.15 -5.08
CA GLU A 237 10.52 26.43 -4.07
C GLU A 237 9.84 26.33 -2.71
N PRO A 238 9.35 25.12 -2.38
CA PRO A 238 8.54 24.80 -1.19
C PRO A 238 9.16 25.31 0.10
N SER A 239 10.48 25.51 0.07
CA SER A 239 11.23 25.95 1.24
C SER A 239 10.87 27.37 1.67
N LYS A 240 9.93 27.98 0.95
CA LYS A 240 9.44 29.32 1.26
C LYS A 240 7.98 29.45 0.83
N THR A 241 7.16 30.05 1.69
CA THR A 241 5.73 30.24 1.39
C THR A 241 5.54 31.26 0.27
N VAL A 242 4.38 31.24 -0.38
CA VAL A 242 4.09 32.27 -1.38
C VAL A 242 3.99 33.60 -0.68
N GLY A 243 3.80 33.54 0.64
CA GLY A 243 3.82 34.74 1.46
C GLY A 243 5.07 35.57 1.22
N GLN A 244 6.23 34.95 1.40
CA GLN A 244 7.52 35.61 1.20
C GLN A 244 7.95 35.64 -0.27
N LEU A 245 7.60 34.62 -1.03
CA LEU A 245 7.88 34.61 -2.47
C LEU A 245 7.24 35.82 -3.14
N LEU A 246 6.12 36.25 -2.58
CA LEU A 246 5.40 37.40 -3.12
C LEU A 246 6.01 38.71 -2.60
N LYS A 247 6.21 38.82 -1.29
CA LYS A 247 6.79 40.03 -0.72
C LYS A 247 8.25 40.25 -1.10
N GLU A 248 8.97 39.16 -1.42
CA GLU A 248 10.37 39.26 -1.83
C GLU A 248 10.51 39.78 -3.26
N HIS A 249 9.57 39.41 -4.13
CA HIS A 249 9.42 40.06 -5.42
C HIS A 249 8.52 41.26 -5.14
N ASN A 250 8.48 42.21 -6.07
CA ASN A 250 7.80 43.48 -5.82
C ASN A 250 6.28 43.42 -5.54
N ALA A 251 5.68 42.25 -5.76
CA ALA A 251 4.23 42.19 -5.97
C ALA A 251 3.31 41.98 -4.77
N GLU A 252 2.07 41.67 -5.13
CA GLU A 252 0.97 41.32 -4.24
C GLU A 252 -0.15 40.86 -5.17
N VAL A 253 -0.95 39.87 -4.77
CA VAL A 253 -2.02 39.40 -5.62
C VAL A 253 -3.37 39.97 -5.20
N THR A 254 -4.06 40.60 -6.15
CA THR A 254 -5.35 41.21 -5.88
C THR A 254 -6.47 40.17 -5.72
N GLY A 255 -6.26 38.99 -6.28
CA GLY A 255 -7.23 37.91 -6.20
C GLY A 255 -6.91 36.71 -7.08
N PHE A 256 -7.70 35.65 -6.94
CA PHE A 256 -7.52 34.43 -7.75
C PHE A 256 -8.83 33.65 -7.90
N ILE A 257 -8.89 32.85 -8.98
CA ILE A 257 -10.09 32.08 -9.31
C ILE A 257 -9.75 30.73 -9.93
N ARG A 258 -9.98 29.65 -9.19
CA ARG A 258 -9.60 28.31 -9.65
C ARG A 258 -10.78 27.33 -9.76
N PHE A 259 -11.18 27.03 -10.98
CA PHE A 259 -12.24 26.06 -11.25
C PHE A 259 -11.62 24.71 -11.56
N GLU A 260 -12.18 23.64 -11.02
CA GLU A 260 -11.80 22.29 -11.45
C GLU A 260 -13.03 21.50 -11.89
N VAL A 261 -13.03 21.12 -13.16
CA VAL A 261 -14.17 20.41 -13.76
C VAL A 261 -14.72 19.32 -12.87
N GLY A 262 -15.99 19.47 -12.49
CA GLY A 262 -16.68 18.43 -11.73
C GLY A 262 -16.80 18.68 -10.25
N GLU A 263 -15.98 19.60 -9.71
CA GLU A 263 -16.05 19.94 -8.29
C GLU A 263 -17.49 20.05 -7.81
N GLY A 264 -17.77 19.54 -6.62
CA GLY A 264 -19.09 19.67 -6.03
C GLY A 264 -20.08 18.60 -6.45
N ILE A 265 -20.15 18.30 -7.74
CA ILE A 265 -21.06 17.27 -8.24
C ILE A 265 -20.71 15.93 -7.59
N GLU A 266 -21.74 15.13 -7.30
CA GLU A 266 -21.52 13.83 -6.66
C GLU A 266 -21.12 12.72 -7.64
N LYS A 267 -21.92 12.58 -8.70
CA LYS A 267 -21.77 11.45 -9.62
C LYS A 267 -21.52 10.16 -8.83
N VAL A 268 -22.61 9.50 -8.43
CA VAL A 268 -22.51 8.26 -7.66
C VAL A 268 -21.66 7.22 -8.41
N GLU A 269 -20.83 6.49 -7.65
CA GLU A 269 -19.84 5.56 -8.19
C GLU A 269 -20.42 4.35 -8.95
N THR A 270 -19.79 3.99 -10.06
CA THR A 270 -20.27 2.91 -10.92
C THR A 270 -19.49 1.60 -10.77
N ASP A 271 -20.19 0.48 -10.91
CA ASP A 271 -19.63 -0.85 -10.70
C ASP A 271 -20.05 -1.79 -11.83
N PHE A 272 -19.26 -1.85 -12.90
CA PHE A 272 -19.61 -2.58 -14.11
C PHE A 272 -20.00 -4.03 -13.87
N ALA A 273 -19.44 -4.65 -12.84
CA ALA A 273 -19.69 -6.07 -12.58
C ALA A 273 -21.13 -6.38 -12.11
N ALA A 274 -21.49 -5.86 -10.94
CA ALA A 274 -22.81 -6.13 -10.37
C ALA A 274 -23.90 -5.52 -11.25
N GLU A 275 -23.58 -4.43 -11.94
CA GLU A 275 -24.56 -3.71 -12.75
C GLU A 275 -25.02 -4.49 -13.96
N VAL A 276 -24.14 -5.33 -14.50
CA VAL A 276 -24.51 -6.19 -15.61
C VAL A 276 -25.03 -7.49 -15.06
N ALA A 277 -24.61 -7.81 -13.85
CA ALA A 277 -25.07 -9.03 -13.17
C ALA A 277 -26.53 -8.92 -12.71
N ALA A 278 -26.89 -7.74 -12.20
CA ALA A 278 -28.25 -7.49 -11.73
C ALA A 278 -29.16 -7.10 -12.90
N MET A 279 -28.56 -6.75 -14.03
CA MET A 279 -29.33 -6.43 -15.23
C MET A 279 -29.85 -7.71 -15.90
N SER A 280 -29.03 -8.75 -15.91
CA SER A 280 -29.46 -10.03 -16.45
C SER A 280 -30.09 -10.92 -15.37
N LYS A 281 -30.29 -10.38 -14.18
CA LYS A 281 -30.99 -11.11 -13.12
C LYS A 281 -32.46 -11.28 -13.50
N GLN A 282 -32.85 -10.63 -14.58
CA GLN A 282 -34.18 -10.82 -15.15
C GLN A 282 -34.18 -11.99 -16.14
N SER A 283 -33.15 -12.05 -16.98
CA SER A 283 -33.04 -13.13 -17.96
C SER A 283 -32.30 -14.37 -17.43
N HIS A 284 -31.82 -14.32 -16.19
CA HIS A 284 -31.31 -15.50 -15.49
C HIS A 284 -32.50 -16.22 -14.86
N MET A 285 -33.65 -15.56 -14.91
CA MET A 285 -34.88 -16.09 -14.34
C MET A 285 -35.74 -16.67 -15.46
N SER A 286 -35.12 -16.84 -16.62
CA SER A 286 -35.53 -17.83 -17.62
C SER A 286 -34.20 -18.55 -17.83
N PHE A 290 -8.87 -29.97 -15.96
CA PHE A 290 -8.24 -30.71 -17.02
C PHE A 290 -7.97 -29.80 -18.21
N GLU A 291 -8.96 -28.95 -18.49
CA GLU A 291 -8.88 -27.92 -19.50
C GLU A 291 -8.66 -26.60 -18.78
N ARG A 292 -7.45 -26.39 -18.29
CA ARG A 292 -7.05 -25.11 -17.71
C ARG A 292 -6.04 -24.46 -18.64
N THR A 293 -5.68 -25.20 -19.70
CA THR A 293 -4.64 -24.79 -20.63
C THR A 293 -5.12 -23.78 -21.68
N LYS A 294 -6.39 -23.39 -21.59
CA LYS A 294 -6.99 -22.45 -22.55
C LYS A 294 -6.57 -21.02 -22.27
N PRO A 295 -6.08 -20.31 -23.31
CA PRO A 295 -5.59 -18.93 -23.27
C PRO A 295 -6.57 -17.96 -22.58
N HIS A 296 -6.03 -17.00 -21.83
CA HIS A 296 -6.86 -16.04 -21.11
C HIS A 296 -6.88 -14.67 -21.79
N VAL A 297 -7.52 -14.61 -22.96
CA VAL A 297 -7.65 -13.36 -23.70
C VAL A 297 -8.73 -12.48 -23.08
N ASN A 298 -8.36 -11.32 -22.58
CA ASN A 298 -9.36 -10.37 -22.11
C ASN A 298 -9.67 -9.30 -23.14
N VAL A 299 -10.88 -8.75 -23.07
CA VAL A 299 -11.37 -7.78 -24.04
C VAL A 299 -12.03 -6.59 -23.35
N GLY A 300 -12.37 -5.58 -24.14
CA GLY A 300 -13.06 -4.42 -23.58
C GLY A 300 -14.15 -3.91 -24.47
N THR A 301 -15.26 -3.53 -23.87
CA THR A 301 -16.33 -2.87 -24.59
C THR A 301 -16.11 -1.36 -24.54
N ILE A 302 -16.07 -0.74 -25.72
CA ILE A 302 -15.83 0.70 -25.80
C ILE A 302 -16.87 1.34 -26.72
N GLY A 303 -17.38 2.51 -26.33
CA GLY A 303 -18.36 3.18 -27.15
C GLY A 303 -19.16 4.26 -26.46
N HIS A 304 -20.43 4.38 -26.84
CA HIS A 304 -21.30 5.44 -26.35
C HIS A 304 -22.16 5.02 -25.16
N VAL A 305 -22.15 5.85 -24.12
CA VAL A 305 -22.70 5.52 -22.80
C VAL A 305 -23.98 4.68 -22.76
N ASP A 306 -24.97 5.01 -23.58
CA ASP A 306 -26.23 4.27 -23.54
C ASP A 306 -26.61 3.61 -24.85
N HIS A 307 -25.62 3.39 -25.72
CA HIS A 307 -25.82 2.58 -26.91
C HIS A 307 -25.80 1.10 -26.52
N GLY A 308 -25.68 0.88 -25.21
CA GLY A 308 -25.78 -0.46 -24.64
C GLY A 308 -24.50 -1.29 -24.67
N LYS A 309 -23.43 -0.79 -24.07
CA LYS A 309 -22.22 -1.59 -23.87
C LYS A 309 -22.54 -2.54 -22.74
N THR A 310 -23.53 -2.16 -21.93
CA THR A 310 -23.86 -2.86 -20.70
C THR A 310 -24.98 -3.90 -20.88
N THR A 311 -25.93 -3.62 -21.77
CA THR A 311 -27.02 -4.56 -22.04
C THR A 311 -26.54 -5.63 -23.00
N LEU A 312 -25.45 -5.35 -23.70
CA LEU A 312 -24.81 -6.31 -24.60
C LEU A 312 -23.85 -7.19 -23.80
N THR A 313 -23.07 -6.55 -22.93
CA THR A 313 -22.15 -7.28 -22.08
C THR A 313 -22.93 -8.23 -21.16
N ALA A 314 -24.26 -8.08 -21.15
CA ALA A 314 -25.13 -9.00 -20.43
C ALA A 314 -25.52 -10.20 -21.31
N ALA A 315 -25.93 -9.91 -22.55
CA ALA A 315 -26.33 -10.94 -23.50
C ALA A 315 -25.19 -11.92 -23.81
N ILE A 316 -23.98 -11.41 -23.93
CA ILE A 316 -22.84 -12.28 -24.16
C ILE A 316 -22.78 -13.34 -23.06
N THR A 317 -23.00 -12.91 -21.82
CA THR A 317 -22.78 -13.77 -20.67
C THR A 317 -23.84 -14.86 -20.46
N THR A 318 -25.11 -14.50 -20.66
CA THR A 318 -26.21 -15.46 -20.49
C THR A 318 -26.35 -16.37 -21.71
N VAL A 319 -26.17 -15.81 -22.90
CA VAL A 319 -26.26 -16.57 -24.14
C VAL A 319 -25.06 -17.51 -24.32
N LEU A 320 -23.92 -17.14 -23.74
CA LEU A 320 -22.76 -18.02 -23.74
C LEU A 320 -22.77 -18.91 -22.50
N ALA A 321 -23.82 -18.76 -21.70
CA ALA A 321 -24.01 -19.61 -20.53
C ALA A 321 -24.91 -20.81 -20.89
N LYS A 322 -25.97 -20.54 -21.64
CA LYS A 322 -26.88 -21.59 -22.08
C LYS A 322 -26.31 -22.30 -23.31
N THR A 323 -25.07 -21.97 -23.67
CA THR A 323 -24.42 -22.59 -24.83
C THR A 323 -23.05 -23.23 -24.53
N TYR A 324 -22.40 -22.84 -23.44
CA TYR A 324 -21.13 -23.47 -23.07
C TYR A 324 -20.92 -23.60 -21.57
N GLY A 325 -19.74 -24.09 -21.18
CA GLY A 325 -19.46 -24.47 -19.81
C GLY A 325 -19.49 -23.35 -18.79
N GLY A 326 -18.35 -23.09 -18.18
CA GLY A 326 -18.21 -22.00 -17.22
C GLY A 326 -18.48 -20.65 -17.85
N THR A 349 -10.12 -6.53 -10.61
CA THR A 349 -10.22 -5.19 -11.18
C THR A 349 -11.55 -4.95 -11.90
N SER A 350 -12.66 -5.25 -11.23
CA SER A 350 -14.00 -5.16 -11.80
C SER A 350 -14.07 -5.63 -13.25
N HIS A 351 -13.86 -6.92 -13.44
CA HIS A 351 -13.89 -7.52 -14.77
C HIS A 351 -14.81 -8.73 -14.75
N VAL A 352 -15.91 -8.65 -15.48
CA VAL A 352 -16.80 -9.80 -15.63
C VAL A 352 -16.14 -10.78 -16.59
N GLU A 353 -16.50 -12.07 -16.48
CA GLU A 353 -15.83 -13.09 -17.29
C GLU A 353 -16.76 -14.21 -17.76
N TYR A 354 -16.49 -14.71 -18.96
CA TYR A 354 -17.32 -15.75 -19.57
C TYR A 354 -16.50 -16.68 -20.46
N ASP A 355 -17.08 -17.84 -20.81
CA ASP A 355 -16.35 -18.88 -21.53
C ASP A 355 -16.77 -19.14 -22.98
N THR A 356 -15.84 -19.74 -23.72
CA THR A 356 -16.03 -20.23 -25.08
C THR A 356 -15.44 -21.65 -25.12
N PRO A 357 -15.88 -22.49 -26.06
CA PRO A 357 -15.22 -23.79 -26.18
C PRO A 357 -13.69 -23.65 -26.12
N THR A 358 -13.13 -22.75 -26.92
CA THR A 358 -11.69 -22.70 -27.15
C THR A 358 -10.85 -21.83 -26.20
N ARG A 359 -11.45 -20.81 -25.61
CA ARG A 359 -10.70 -19.95 -24.68
C ARG A 359 -11.57 -19.24 -23.65
N HIS A 360 -10.91 -18.61 -22.68
CA HIS A 360 -11.60 -17.94 -21.56
C HIS A 360 -11.42 -16.42 -21.62
N TYR A 361 -12.54 -15.70 -21.52
CA TYR A 361 -12.55 -14.24 -21.72
C TYR A 361 -12.76 -13.44 -20.44
N ALA A 362 -12.10 -12.28 -20.35
CA ALA A 362 -12.30 -11.29 -19.29
C ALA A 362 -12.68 -9.94 -19.88
N HIS A 363 -13.89 -9.47 -19.58
CA HIS A 363 -14.44 -8.30 -20.23
C HIS A 363 -14.38 -7.07 -19.33
N VAL A 364 -14.08 -5.91 -19.93
CA VAL A 364 -14.05 -4.65 -19.20
C VAL A 364 -14.67 -3.51 -20.02
N ASP A 365 -15.25 -2.53 -19.32
CA ASP A 365 -15.86 -1.36 -19.97
C ASP A 365 -14.94 -0.14 -19.84
N CYS A 366 -14.94 0.71 -20.87
CA CYS A 366 -14.03 1.85 -20.92
C CYS A 366 -14.74 3.19 -20.88
N PRO A 367 -15.37 3.50 -19.74
CA PRO A 367 -16.14 4.73 -19.60
C PRO A 367 -15.22 5.88 -19.25
N GLY A 368 -14.25 6.15 -20.10
CA GLY A 368 -13.28 7.20 -19.83
C GLY A 368 -11.97 6.95 -20.54
N HIS A 369 -11.55 7.90 -21.35
CA HIS A 369 -10.30 7.78 -22.09
C HIS A 369 -9.14 7.72 -21.11
N ALA A 370 -8.95 8.83 -20.42
CA ALA A 370 -7.88 8.93 -19.45
C ALA A 370 -7.96 7.82 -18.43
N ASP A 371 -9.14 7.63 -17.85
CA ASP A 371 -9.29 6.61 -16.82
C ASP A 371 -8.87 5.23 -17.33
N TYR A 372 -9.01 5.00 -18.63
CA TYR A 372 -8.50 3.75 -19.19
C TYR A 372 -6.98 3.74 -19.21
N VAL A 373 -6.39 4.65 -19.98
CA VAL A 373 -4.94 4.77 -20.07
C VAL A 373 -4.29 4.35 -18.76
N LYS A 374 -4.75 4.95 -17.66
CA LYS A 374 -4.25 4.64 -16.34
C LYS A 374 -4.23 3.16 -16.08
N ASN A 375 -5.37 2.50 -16.27
CA ASN A 375 -5.47 1.06 -16.06
C ASN A 375 -4.52 0.23 -16.93
N MET A 376 -4.27 0.69 -18.16
CA MET A 376 -3.39 -0.03 -19.07
C MET A 376 -1.90 0.22 -18.78
N ILE A 377 -1.58 1.41 -18.29
CA ILE A 377 -0.21 1.72 -17.88
C ILE A 377 0.12 1.02 -16.57
N THR A 378 -0.80 1.10 -15.61
CA THR A 378 -0.60 0.51 -14.30
C THR A 378 -0.58 -1.02 -14.41
N GLY A 379 -1.31 -1.55 -15.38
CA GLY A 379 -1.38 -2.98 -15.58
C GLY A 379 -2.53 -3.63 -14.83
N ALA A 380 -3.51 -2.83 -14.42
CA ALA A 380 -4.68 -3.34 -13.71
C ALA A 380 -5.64 -4.02 -14.69
N ALA A 381 -5.40 -3.79 -15.99
CA ALA A 381 -6.15 -4.46 -17.05
C ALA A 381 -5.70 -3.98 -18.41
N GLN A 382 -4.86 -4.77 -19.07
CA GLN A 382 -4.45 -4.52 -20.45
C GLN A 382 -5.60 -4.90 -21.38
N MET A 383 -5.33 -4.95 -22.69
CA MET A 383 -6.35 -5.39 -23.63
C MET A 383 -5.81 -6.01 -24.91
N ASP A 384 -6.37 -7.17 -25.25
CA ASP A 384 -5.97 -7.94 -26.41
C ASP A 384 -6.82 -7.59 -27.63
N GLY A 385 -8.05 -7.18 -27.36
CA GLY A 385 -8.98 -6.87 -28.44
C GLY A 385 -10.21 -6.13 -27.96
N ALA A 386 -10.36 -4.88 -28.38
CA ALA A 386 -11.52 -4.09 -28.03
C ALA A 386 -12.78 -4.68 -28.68
N ILE A 387 -13.94 -4.10 -28.36
CA ILE A 387 -15.16 -4.41 -29.07
C ILE A 387 -16.05 -3.19 -29.10
N LEU A 388 -15.89 -2.36 -30.13
CA LEU A 388 -16.66 -1.12 -30.23
C LEU A 388 -18.15 -1.41 -30.35
N VAL A 389 -18.91 -0.95 -29.37
CA VAL A 389 -20.36 -1.14 -29.37
C VAL A 389 -21.04 0.15 -29.76
N VAL A 390 -21.62 0.18 -30.96
CA VAL A 390 -22.46 1.31 -31.36
C VAL A 390 -23.87 0.79 -31.64
N ALA A 391 -24.85 1.66 -31.41
CA ALA A 391 -26.24 1.30 -31.67
C ALA A 391 -26.65 1.81 -33.05
N ALA A 392 -27.24 0.93 -33.87
CA ALA A 392 -27.60 1.28 -35.24
C ALA A 392 -28.80 2.22 -35.32
N THR A 393 -29.48 2.41 -34.19
CA THR A 393 -30.56 3.38 -34.09
C THR A 393 -30.03 4.75 -34.45
N ASP A 394 -28.78 5.02 -34.10
CA ASP A 394 -28.20 6.34 -34.26
C ASP A 394 -26.95 6.36 -35.14
N GLY A 395 -26.37 5.19 -35.39
CA GLY A 395 -25.13 5.09 -36.11
C GLY A 395 -23.97 5.60 -35.27
N PRO A 396 -22.83 5.90 -35.88
CA PRO A 396 -21.76 6.51 -35.09
C PRO A 396 -22.17 7.86 -34.53
N MET A 397 -21.67 8.20 -33.35
CA MET A 397 -21.87 9.52 -32.78
C MET A 397 -20.74 10.44 -33.25
N PRO A 398 -20.89 11.75 -33.01
CA PRO A 398 -19.73 12.60 -33.28
C PRO A 398 -18.48 12.08 -32.58
N GLN A 399 -18.62 11.66 -31.32
CA GLN A 399 -17.46 11.26 -30.51
C GLN A 399 -17.13 9.77 -30.53
N THR A 400 -17.49 9.07 -31.60
CA THR A 400 -17.09 7.67 -31.74
C THR A 400 -15.68 7.58 -32.34
N ARG A 401 -15.24 8.67 -32.96
CA ARG A 401 -13.85 8.80 -33.37
C ARG A 401 -12.96 8.87 -32.13
N GLU A 402 -13.44 9.56 -31.10
CA GLU A 402 -12.72 9.67 -29.84
C GLU A 402 -12.61 8.31 -29.15
N HIS A 403 -13.53 7.41 -29.50
CA HIS A 403 -13.49 6.04 -29.00
C HIS A 403 -12.43 5.26 -29.76
N ILE A 404 -12.59 5.22 -31.08
CA ILE A 404 -11.60 4.57 -31.94
C ILE A 404 -10.21 5.12 -31.63
N LEU A 405 -10.18 6.39 -31.22
CA LEU A 405 -8.94 7.04 -30.83
C LEU A 405 -8.33 6.33 -29.63
N LEU A 406 -8.97 6.44 -28.48
CA LEU A 406 -8.50 5.79 -27.26
C LEU A 406 -7.95 4.39 -27.54
N GLY A 407 -8.50 3.73 -28.55
CA GLY A 407 -8.08 2.39 -28.90
C GLY A 407 -6.84 2.36 -29.77
N ARG A 408 -6.69 3.39 -30.61
CA ARG A 408 -5.49 3.53 -31.41
C ARG A 408 -4.29 3.91 -30.55
N GLN A 409 -4.51 4.85 -29.62
CA GLN A 409 -3.44 5.32 -28.72
C GLN A 409 -2.87 4.20 -27.84
N VAL A 410 -3.71 3.56 -27.04
CA VAL A 410 -3.25 2.40 -26.26
C VAL A 410 -2.68 1.35 -27.20
N GLY A 411 -2.89 1.56 -28.49
CA GLY A 411 -2.43 0.64 -29.51
C GLY A 411 -3.05 -0.73 -29.30
N VAL A 412 -4.38 -0.77 -29.14
CA VAL A 412 -5.07 -2.06 -29.05
C VAL A 412 -5.00 -2.72 -30.42
N PRO A 413 -4.48 -3.95 -30.47
CA PRO A 413 -4.24 -4.64 -31.73
C PRO A 413 -5.49 -4.80 -32.59
N TYR A 414 -6.52 -5.47 -32.07
CA TYR A 414 -7.68 -5.84 -32.86
C TYR A 414 -9.01 -5.41 -32.26
N ILE A 415 -9.81 -4.71 -33.07
CA ILE A 415 -11.12 -4.25 -32.65
C ILE A 415 -12.22 -5.00 -33.40
N ILE A 416 -13.30 -5.32 -32.68
CA ILE A 416 -14.48 -5.88 -33.32
C ILE A 416 -15.68 -5.01 -32.97
N VAL A 417 -16.46 -4.66 -33.98
CA VAL A 417 -17.63 -3.82 -33.76
C VAL A 417 -18.91 -4.62 -33.66
N PHE A 418 -19.69 -4.32 -32.61
CA PHE A 418 -21.04 -4.84 -32.48
C PHE A 418 -22.03 -3.72 -32.80
N LEU A 419 -22.88 -3.97 -33.80
CA LEU A 419 -23.96 -3.04 -34.14
C LEU A 419 -25.24 -3.44 -33.39
N ASN A 420 -25.66 -2.58 -32.47
CA ASN A 420 -26.70 -2.92 -31.49
C ASN A 420 -28.09 -2.45 -31.87
N LYS A 421 -29.10 -3.12 -31.33
CA LYS A 421 -30.50 -2.73 -31.52
C LYS A 421 -30.88 -2.56 -32.99
N CYS A 422 -30.75 -3.64 -33.76
CA CYS A 422 -31.02 -3.58 -35.19
C CYS A 422 -32.48 -3.88 -35.56
N ASP A 423 -33.20 -4.53 -34.65
CA ASP A 423 -34.60 -4.84 -34.87
C ASP A 423 -35.36 -3.58 -35.26
N MET A 424 -34.89 -2.44 -34.74
CA MET A 424 -35.55 -1.17 -34.94
C MET A 424 -35.17 -0.49 -36.26
N VAL A 425 -34.66 -1.25 -37.21
CA VAL A 425 -34.48 -0.76 -38.57
C VAL A 425 -35.18 -1.68 -39.56
N ASP A 426 -36.37 -1.27 -39.96
CA ASP A 426 -37.17 -2.03 -40.91
C ASP A 426 -36.48 -2.09 -42.26
N ASP A 427 -35.72 -1.05 -42.57
CA ASP A 427 -35.02 -0.96 -43.84
C ASP A 427 -33.61 -1.52 -43.67
N GLU A 428 -33.26 -2.49 -44.51
CA GLU A 428 -31.97 -3.18 -44.37
C GLU A 428 -30.83 -2.49 -45.11
N GLU A 429 -31.13 -1.44 -45.87
CA GLU A 429 -30.10 -0.67 -46.55
C GLU A 429 -29.55 0.44 -45.64
N LEU A 430 -30.26 0.73 -44.56
CA LEU A 430 -29.80 1.69 -43.56
C LEU A 430 -28.72 1.08 -42.67
N LEU A 431 -28.64 -0.24 -42.69
CA LEU A 431 -27.63 -0.94 -41.92
C LEU A 431 -26.27 -0.95 -42.61
N GLU A 432 -26.25 -1.30 -43.90
CA GLU A 432 -25.01 -1.22 -44.67
C GLU A 432 -24.60 0.24 -44.91
N LEU A 433 -25.41 1.16 -44.40
CA LEU A 433 -25.08 2.59 -44.41
C LEU A 433 -24.34 2.91 -43.12
N VAL A 434 -24.91 2.56 -41.98
CA VAL A 434 -24.23 2.71 -40.70
C VAL A 434 -22.91 1.96 -40.75
N GLU A 435 -22.95 0.70 -41.20
CA GLU A 435 -21.74 -0.05 -41.48
C GLU A 435 -20.77 0.79 -42.28
N MET A 436 -21.26 1.40 -43.35
CA MET A 436 -20.44 2.29 -44.17
C MET A 436 -19.79 3.39 -43.34
N GLU A 437 -20.58 4.09 -42.53
CA GLU A 437 -20.08 5.19 -41.72
C GLU A 437 -18.98 4.76 -40.75
N VAL A 438 -19.24 3.72 -39.95
CA VAL A 438 -18.25 3.25 -39.00
C VAL A 438 -17.03 2.63 -39.69
N ARG A 439 -17.26 1.86 -40.75
CA ARG A 439 -16.16 1.19 -41.47
C ARG A 439 -15.10 2.14 -42.03
N GLU A 440 -15.36 3.44 -41.98
CA GLU A 440 -14.38 4.44 -42.41
C GLU A 440 -13.79 5.19 -41.22
N LEU A 441 -14.61 5.50 -40.23
CA LEU A 441 -14.11 6.06 -38.99
C LEU A 441 -12.95 5.21 -38.49
N LEU A 442 -13.01 3.92 -38.76
CA LEU A 442 -11.93 3.04 -38.38
C LEU A 442 -10.65 3.39 -39.13
N SER A 443 -10.74 3.49 -40.46
CA SER A 443 -9.55 3.65 -41.32
C SER A 443 -8.99 5.07 -41.36
N GLN A 444 -9.70 6.01 -40.77
CA GLN A 444 -9.12 7.32 -40.51
C GLN A 444 -8.14 7.17 -39.35
N TYR A 445 -8.07 5.98 -38.78
CA TYR A 445 -7.27 5.71 -37.59
C TYR A 445 -6.44 4.43 -37.72
N ASP A 446 -6.09 4.09 -38.95
CA ASP A 446 -5.15 3.01 -39.26
C ASP A 446 -5.50 1.62 -38.74
N PHE A 447 -6.77 1.38 -38.47
CA PHE A 447 -7.25 0.01 -38.27
C PHE A 447 -7.84 -0.47 -39.59
N PRO A 448 -7.72 -1.77 -39.88
CA PRO A 448 -8.28 -2.34 -41.11
C PRO A 448 -9.79 -2.08 -41.24
N GLY A 449 -10.16 -0.83 -41.54
CA GLY A 449 -11.55 -0.40 -41.59
C GLY A 449 -12.43 -1.08 -42.62
N ASP A 450 -11.80 -1.70 -43.62
CA ASP A 450 -12.53 -2.45 -44.65
C ASP A 450 -12.74 -3.91 -44.22
N ASP A 451 -11.68 -4.53 -43.70
CA ASP A 451 -11.66 -5.97 -43.46
C ASP A 451 -12.19 -6.44 -42.11
N THR A 452 -12.64 -5.51 -41.27
CA THR A 452 -13.03 -5.85 -39.90
C THR A 452 -14.44 -6.39 -39.76
N PRO A 453 -14.63 -7.36 -38.85
CA PRO A 453 -15.94 -7.95 -38.58
C PRO A 453 -16.89 -6.93 -37.97
N ILE A 454 -18.11 -6.89 -38.51
CA ILE A 454 -19.19 -6.08 -37.94
C ILE A 454 -20.46 -6.92 -37.86
N VAL A 455 -20.82 -7.34 -36.65
CA VAL A 455 -22.01 -8.16 -36.46
C VAL A 455 -23.26 -7.30 -36.22
N ARG A 456 -24.37 -7.67 -36.84
CA ARG A 456 -25.60 -6.89 -36.72
C ARG A 456 -26.67 -7.65 -35.94
N GLY A 457 -26.96 -7.18 -34.72
CA GLY A 457 -27.96 -7.81 -33.90
C GLY A 457 -28.37 -6.96 -32.70
N SER A 458 -29.35 -7.45 -31.93
CA SER A 458 -29.81 -6.74 -30.75
C SER A 458 -29.29 -7.39 -29.45
N ALA A 459 -28.91 -6.54 -28.51
CA ALA A 459 -28.37 -7.01 -27.23
C ALA A 459 -29.49 -7.42 -26.29
N LEU A 460 -30.70 -6.95 -26.59
CA LEU A 460 -31.85 -7.12 -25.69
C LEU A 460 -32.79 -8.23 -26.15
N LYS A 461 -33.03 -8.32 -27.46
CA LYS A 461 -33.80 -9.42 -28.01
C LYS A 461 -33.11 -10.73 -27.68
N ALA A 462 -31.80 -10.69 -27.53
CA ALA A 462 -31.03 -11.88 -27.20
C ALA A 462 -31.08 -12.19 -25.70
N LEU A 463 -31.56 -11.23 -24.93
CA LEU A 463 -31.77 -11.43 -23.51
C LEU A 463 -33.09 -12.17 -23.29
N GLU A 464 -34.05 -11.88 -24.16
CA GLU A 464 -35.37 -12.47 -24.09
C GLU A 464 -35.39 -13.86 -24.74
N GLY A 465 -34.27 -14.57 -24.67
CA GLY A 465 -34.16 -15.92 -25.22
C GLY A 465 -34.74 -16.05 -26.62
N ASP A 466 -34.32 -15.18 -27.53
CA ASP A 466 -34.81 -15.20 -28.90
C ASP A 466 -33.73 -15.69 -29.85
N ALA A 467 -33.98 -16.84 -30.49
CA ALA A 467 -32.94 -17.56 -31.24
C ALA A 467 -32.33 -16.84 -32.45
N GLU A 468 -33.09 -15.96 -33.07
CA GLU A 468 -32.64 -15.28 -34.27
C GLU A 468 -31.74 -14.08 -33.94
N TRP A 469 -31.91 -13.55 -32.75
CA TRP A 469 -31.04 -12.49 -32.24
C TRP A 469 -30.16 -13.06 -31.14
N GLU A 470 -30.36 -14.33 -30.82
CA GLU A 470 -29.47 -15.01 -29.88
C GLU A 470 -28.14 -15.32 -30.55
N ALA A 471 -28.21 -15.85 -31.77
CA ALA A 471 -27.02 -16.35 -32.47
C ALA A 471 -26.15 -15.25 -33.08
N LYS A 472 -26.63 -14.02 -33.05
CA LYS A 472 -25.79 -12.91 -33.44
C LYS A 472 -24.82 -12.62 -32.31
N ILE A 473 -25.19 -12.98 -31.09
CA ILE A 473 -24.29 -12.90 -29.95
C ILE A 473 -23.18 -13.93 -30.09
N LEU A 474 -23.58 -15.18 -30.26
CA LEU A 474 -22.60 -16.24 -30.52
C LEU A 474 -21.76 -15.88 -31.74
N GLU A 475 -22.35 -15.10 -32.64
CA GLU A 475 -21.63 -14.70 -33.86
C GLU A 475 -20.45 -13.80 -33.50
N LEU A 476 -20.60 -13.01 -32.45
CA LEU A 476 -19.54 -12.14 -31.98
C LEU A 476 -18.49 -12.95 -31.21
N ALA A 477 -18.94 -13.75 -30.26
CA ALA A 477 -18.05 -14.65 -29.52
C ALA A 477 -17.44 -15.66 -30.47
N GLY A 478 -18.04 -15.78 -31.65
CA GLY A 478 -17.49 -16.59 -32.71
C GLY A 478 -16.25 -15.91 -33.26
N PHE A 479 -16.30 -14.58 -33.35
CA PHE A 479 -15.17 -13.79 -33.82
C PHE A 479 -14.12 -13.59 -32.74
N LEU A 480 -14.57 -13.56 -31.48
CA LEU A 480 -13.64 -13.52 -30.36
C LEU A 480 -12.60 -14.62 -30.51
N ASP A 481 -13.03 -15.77 -31.01
CA ASP A 481 -12.18 -16.95 -31.11
C ASP A 481 -11.10 -16.84 -32.20
N SER A 482 -11.46 -16.25 -33.33
CA SER A 482 -10.55 -16.25 -34.47
C SER A 482 -9.79 -14.93 -34.78
N TYR A 483 -10.49 -13.80 -34.68
CA TYR A 483 -9.93 -12.49 -35.08
C TYR A 483 -9.05 -11.85 -34.00
N ILE A 484 -9.42 -12.05 -32.74
CA ILE A 484 -8.56 -11.69 -31.63
C ILE A 484 -7.59 -12.83 -31.39
N PRO A 485 -6.36 -12.72 -31.93
CA PRO A 485 -5.44 -13.85 -32.01
C PRO A 485 -4.94 -14.26 -30.63
N GLU A 486 -4.57 -15.52 -30.49
CA GLU A 486 -4.03 -16.01 -29.24
C GLU A 486 -2.77 -15.21 -28.85
N PRO A 487 -2.71 -14.72 -27.61
CA PRO A 487 -1.51 -14.12 -27.04
C PRO A 487 -0.39 -15.16 -26.87
N GLU A 488 0.84 -14.79 -27.20
CA GLU A 488 1.97 -15.73 -27.15
C GLU A 488 2.23 -16.19 -25.72
N ARG A 489 2.11 -17.50 -25.50
CA ARG A 489 2.30 -18.07 -24.17
C ARG A 489 3.67 -17.70 -23.59
N ALA A 490 3.70 -17.42 -22.30
CA ALA A 490 4.91 -16.93 -21.63
C ALA A 490 6.09 -17.90 -21.78
N ILE A 491 5.81 -19.19 -21.81
CA ILE A 491 6.87 -20.18 -21.94
C ILE A 491 7.32 -20.38 -23.39
N ASP A 492 6.81 -19.54 -24.29
CA ASP A 492 7.11 -19.65 -25.72
C ASP A 492 8.06 -18.56 -26.21
N LYS A 493 8.19 -17.51 -25.42
CA LYS A 493 9.07 -16.39 -25.77
C LYS A 493 10.53 -16.81 -25.61
N PRO A 494 11.46 -16.01 -26.16
CA PRO A 494 12.91 -16.26 -26.08
C PRO A 494 13.50 -16.07 -24.69
N PHE A 495 13.58 -17.18 -23.94
CA PHE A 495 14.14 -17.22 -22.59
C PHE A 495 14.62 -15.91 -21.96
N LEU A 496 14.25 -15.70 -20.70
CA LEU A 496 14.81 -14.62 -19.90
C LEU A 496 14.65 -14.87 -18.40
N LEU A 497 15.62 -14.39 -17.63
CA LEU A 497 15.59 -14.49 -16.18
C LEU A 497 16.27 -13.30 -15.54
N PRO A 498 15.50 -12.50 -14.79
CA PRO A 498 16.00 -11.33 -14.08
C PRO A 498 16.91 -11.79 -12.95
N ILE A 499 18.22 -11.60 -13.10
CA ILE A 499 19.15 -12.08 -12.10
C ILE A 499 18.95 -11.33 -10.80
N GLU A 500 18.64 -12.07 -9.75
CA GLU A 500 18.35 -11.45 -8.45
C GLU A 500 19.53 -11.56 -7.50
N ASP A 501 20.48 -12.43 -7.81
CA ASP A 501 21.67 -12.58 -6.98
C ASP A 501 22.75 -13.45 -7.62
N VAL A 502 24.00 -13.19 -7.24
CA VAL A 502 25.15 -13.95 -7.76
C VAL A 502 26.06 -14.49 -6.65
N PHE A 503 26.17 -15.81 -6.59
CA PHE A 503 27.02 -16.46 -5.60
C PHE A 503 28.19 -17.15 -6.28
N SER A 504 29.32 -17.23 -5.58
CA SER A 504 30.45 -17.98 -6.09
C SER A 504 30.54 -19.30 -5.33
N ILE A 505 29.87 -20.33 -5.83
CA ILE A 505 29.86 -21.64 -5.19
C ILE A 505 31.19 -22.34 -5.41
N SER A 506 31.82 -22.79 -4.31
CA SER A 506 33.12 -23.45 -4.39
C SER A 506 33.05 -24.88 -4.91
N GLY A 507 33.76 -25.13 -6.02
CA GLY A 507 33.81 -26.43 -6.64
C GLY A 507 32.74 -26.59 -7.70
N ARG A 508 31.92 -25.56 -7.87
CA ARG A 508 30.72 -25.67 -8.68
C ARG A 508 30.51 -24.47 -9.61
N GLY A 509 31.40 -23.47 -9.52
CA GLY A 509 31.37 -22.35 -10.42
C GLY A 509 30.18 -21.42 -10.25
N THR A 510 30.45 -20.12 -10.39
CA THR A 510 29.46 -19.04 -10.24
C THR A 510 28.02 -19.41 -10.63
N VAL A 511 27.06 -18.84 -9.91
CA VAL A 511 25.65 -19.16 -10.11
C VAL A 511 24.71 -17.99 -9.78
N VAL A 512 23.69 -17.81 -10.60
CA VAL A 512 22.66 -16.79 -10.35
C VAL A 512 21.37 -17.47 -9.91
N THR A 513 20.57 -16.75 -9.12
CA THR A 513 19.23 -17.21 -8.79
C THR A 513 18.17 -16.21 -9.29
N GLY A 514 17.09 -16.74 -9.87
CA GLY A 514 16.04 -15.88 -10.37
C GLY A 514 14.77 -16.67 -10.56
N ARG A 515 13.76 -16.03 -11.13
CA ARG A 515 12.57 -16.73 -11.59
C ARG A 515 12.52 -16.50 -13.08
N VAL A 516 12.44 -17.58 -13.84
CA VAL A 516 12.48 -17.46 -15.30
C VAL A 516 11.22 -16.78 -15.81
N GLU A 517 11.40 -15.58 -16.34
CA GLU A 517 10.30 -14.73 -16.77
C GLU A 517 9.56 -15.42 -17.93
N ARG A 518 10.31 -15.86 -18.92
CA ARG A 518 9.74 -16.42 -20.13
C ARG A 518 10.75 -17.34 -20.80
N GLY A 519 10.26 -18.22 -21.65
CA GLY A 519 11.13 -19.11 -22.40
C GLY A 519 11.71 -20.23 -21.57
N ILE A 520 12.65 -20.97 -22.16
CA ILE A 520 13.28 -22.13 -21.55
C ILE A 520 14.80 -22.11 -21.65
N ILE A 521 15.46 -22.64 -20.63
CA ILE A 521 16.91 -22.83 -20.64
C ILE A 521 17.30 -24.26 -20.24
N LYS A 522 17.77 -25.02 -21.22
CA LYS A 522 18.13 -26.41 -21.01
C LYS A 522 19.61 -26.54 -20.74
N VAL A 523 19.96 -27.04 -19.55
CA VAL A 523 21.34 -27.18 -19.13
C VAL A 523 22.29 -27.46 -20.31
N GLY A 524 23.19 -26.50 -20.58
CA GLY A 524 24.18 -26.68 -21.63
C GLY A 524 24.00 -25.77 -22.83
N GLU A 525 22.97 -24.95 -22.81
CA GLU A 525 22.76 -23.98 -23.87
C GLU A 525 23.64 -22.77 -23.60
N GLU A 526 23.63 -21.80 -24.50
CA GLU A 526 24.45 -20.61 -24.34
C GLU A 526 23.65 -19.33 -24.08
N VAL A 527 23.85 -18.75 -22.90
CA VAL A 527 23.16 -17.54 -22.50
C VAL A 527 24.03 -16.29 -22.63
N GLU A 528 23.39 -15.13 -22.47
CA GLU A 528 24.11 -13.88 -22.31
C GLU A 528 23.77 -13.32 -20.94
N ILE A 529 24.66 -12.50 -20.41
CA ILE A 529 24.33 -11.69 -19.23
C ILE A 529 24.48 -10.20 -19.59
N VAL A 530 23.35 -9.57 -19.89
CA VAL A 530 23.34 -8.23 -20.46
C VAL A 530 22.57 -7.23 -19.61
N GLY A 531 23.03 -5.98 -19.60
CA GLY A 531 22.34 -4.93 -18.90
C GLY A 531 23.23 -3.77 -18.51
N ILE A 532 23.78 -3.85 -17.31
CA ILE A 532 24.48 -2.73 -16.69
C ILE A 532 25.92 -2.57 -17.18
N LYS A 533 26.57 -3.70 -17.47
CA LYS A 533 27.94 -3.69 -17.98
C LYS A 533 27.94 -4.18 -19.43
N GLU A 534 28.99 -3.86 -20.17
CA GLU A 534 29.11 -4.36 -21.54
C GLU A 534 28.55 -5.77 -21.54
N THR A 535 27.54 -6.00 -22.37
CA THR A 535 26.90 -7.31 -22.44
C THR A 535 27.92 -8.44 -22.63
N GLN A 536 27.90 -9.40 -21.72
CA GLN A 536 28.83 -10.52 -21.76
C GLN A 536 28.07 -11.80 -22.09
N LYS A 537 28.79 -12.86 -22.44
CA LYS A 537 28.17 -14.15 -22.69
C LYS A 537 28.82 -15.27 -21.88
N SER A 538 28.20 -16.44 -21.88
CA SER A 538 28.73 -17.59 -21.15
C SER A 538 28.03 -18.88 -21.56
N THR A 539 27.75 -19.75 -20.59
CA THR A 539 27.07 -21.01 -20.88
C THR A 539 26.56 -21.72 -19.62
N CYS A 540 25.38 -22.33 -19.75
CA CYS A 540 24.68 -22.96 -18.63
C CYS A 540 25.24 -24.33 -18.27
N THR A 541 25.70 -24.47 -17.03
CA THR A 541 26.28 -25.73 -16.59
C THR A 541 25.36 -26.47 -15.62
N GLY A 542 24.07 -26.21 -15.71
CA GLY A 542 23.12 -26.92 -14.87
C GLY A 542 21.95 -26.09 -14.35
N VAL A 543 20.88 -26.77 -13.98
CA VAL A 543 19.69 -26.13 -13.42
C VAL A 543 19.20 -26.89 -12.20
N GLU A 544 19.09 -26.21 -11.06
CA GLU A 544 18.70 -26.89 -9.82
C GLU A 544 17.72 -26.07 -8.99
N MET A 545 16.82 -26.77 -8.31
CA MET A 545 15.97 -26.14 -7.29
C MET A 545 16.53 -26.49 -5.93
N PHE A 546 15.78 -26.22 -4.88
CA PHE A 546 16.25 -26.62 -3.56
C PHE A 546 16.05 -28.11 -3.40
N ARG A 547 14.91 -28.59 -3.88
CA ARG A 547 14.52 -29.99 -3.69
C ARG A 547 15.13 -30.88 -4.75
N LYS A 548 14.54 -30.87 -5.93
CA LYS A 548 15.04 -31.67 -7.05
C LYS A 548 15.95 -30.85 -7.96
N LEU A 549 17.00 -31.50 -8.49
CA LEU A 549 17.89 -30.86 -9.45
C LEU A 549 17.44 -31.20 -10.86
N LEU A 550 17.11 -30.18 -11.66
CA LEU A 550 16.59 -30.39 -13.00
C LEU A 550 17.68 -30.25 -14.06
N ASP A 551 17.26 -30.22 -15.32
CA ASP A 551 18.18 -30.07 -16.44
C ASP A 551 17.71 -28.94 -17.34
N GLU A 552 16.54 -28.41 -17.03
CA GLU A 552 16.01 -27.27 -17.77
C GLU A 552 15.11 -26.40 -16.88
N GLY A 553 15.22 -25.09 -17.05
CA GLY A 553 14.32 -24.17 -16.38
C GLY A 553 13.13 -23.89 -17.28
N ARG A 554 11.95 -23.79 -16.68
CA ARG A 554 10.73 -23.53 -17.45
C ARG A 554 10.06 -22.26 -16.93
N ALA A 555 9.71 -21.36 -17.84
CA ALA A 555 9.11 -20.08 -17.47
C ALA A 555 8.04 -20.22 -16.38
N GLY A 556 8.21 -19.46 -15.30
CA GLY A 556 7.28 -19.47 -14.19
C GLY A 556 7.90 -20.08 -12.95
N GLU A 557 9.05 -20.71 -13.12
CA GLU A 557 9.69 -21.43 -12.04
C GLU A 557 10.75 -20.60 -11.32
N ASN A 558 10.89 -20.83 -10.02
CA ASN A 558 11.93 -20.17 -9.22
C ASN A 558 13.18 -21.05 -9.09
N VAL A 559 14.03 -20.96 -10.11
CA VAL A 559 15.23 -21.78 -10.23
C VAL A 559 16.52 -20.99 -10.01
N GLY A 560 17.62 -21.71 -9.78
CA GLY A 560 18.95 -21.14 -9.85
C GLY A 560 19.62 -21.74 -11.07
N VAL A 561 20.55 -21.01 -11.68
CA VAL A 561 21.19 -21.50 -12.89
C VAL A 561 22.73 -21.47 -12.84
N LEU A 562 23.33 -22.65 -12.99
CA LEU A 562 24.78 -22.82 -12.92
C LEU A 562 25.51 -22.38 -14.18
N LEU A 563 26.60 -21.65 -14.00
CA LEU A 563 27.37 -21.11 -15.11
C LEU A 563 28.84 -21.51 -15.06
N ARG A 564 29.59 -21.08 -16.07
CA ARG A 564 31.04 -21.29 -16.13
C ARG A 564 31.75 -20.16 -16.88
N GLY A 565 33.04 -20.00 -16.64
CA GLY A 565 33.83 -19.00 -17.33
C GLY A 565 33.36 -17.58 -17.04
N ILE A 566 32.81 -17.39 -15.85
CA ILE A 566 32.27 -16.10 -15.45
C ILE A 566 32.32 -15.96 -13.92
N LYS A 567 33.16 -15.05 -13.45
CA LYS A 567 33.33 -14.83 -12.01
C LYS A 567 32.12 -14.12 -11.41
N ARG A 568 32.11 -13.95 -10.09
CA ARG A 568 30.91 -13.45 -9.39
C ARG A 568 30.85 -11.94 -9.21
N GLU A 569 31.89 -11.21 -9.61
CA GLU A 569 31.85 -9.76 -9.56
C GLU A 569 31.73 -9.17 -10.97
N GLU A 570 31.52 -10.04 -11.95
CA GLU A 570 31.24 -9.64 -13.32
C GLU A 570 29.74 -9.70 -13.56
N ILE A 571 28.98 -9.70 -12.47
CA ILE A 571 27.53 -9.73 -12.52
C ILE A 571 26.91 -8.85 -11.45
N GLU A 572 25.74 -8.30 -11.74
CA GLU A 572 25.04 -7.46 -10.78
C GLU A 572 23.57 -7.84 -10.78
N ARG A 573 22.94 -7.77 -9.62
CA ARG A 573 21.51 -7.98 -9.53
C ARG A 573 20.86 -6.90 -10.39
N GLY A 574 20.22 -7.30 -11.48
CA GLY A 574 19.60 -6.33 -12.35
C GLY A 574 19.69 -6.64 -13.83
N GLN A 575 20.82 -7.21 -14.24
CA GLN A 575 20.98 -7.61 -15.63
C GLN A 575 20.26 -8.93 -15.84
N VAL A 576 19.94 -9.22 -17.10
CA VAL A 576 19.09 -10.36 -17.40
C VAL A 576 19.87 -11.52 -18.00
N LEU A 577 19.39 -12.72 -17.73
CA LEU A 577 19.97 -13.92 -18.33
C LEU A 577 19.08 -14.32 -19.50
N ALA A 578 19.50 -13.96 -20.72
CA ALA A 578 18.67 -14.20 -21.90
C ALA A 578 19.42 -14.89 -23.04
N LYS A 579 18.72 -15.72 -23.81
CA LYS A 579 19.28 -16.33 -25.01
C LYS A 579 19.84 -15.25 -25.92
N PRO A 580 21.05 -15.46 -26.47
CA PRO A 580 21.82 -14.44 -27.21
C PRO A 580 21.02 -13.73 -28.31
N GLY A 581 21.09 -12.39 -28.30
CA GLY A 581 20.43 -11.58 -29.32
C GLY A 581 19.02 -11.16 -28.95
N THR A 582 18.39 -11.97 -28.10
CA THR A 582 17.02 -11.73 -27.66
C THR A 582 16.76 -10.27 -27.29
N ILE A 583 17.60 -9.71 -26.41
CA ILE A 583 17.33 -8.41 -25.83
C ILE A 583 18.60 -7.57 -25.65
N LYS A 584 18.50 -6.26 -25.84
CA LYS A 584 19.68 -5.38 -25.81
C LYS A 584 19.52 -4.19 -24.87
N PRO A 585 20.64 -3.76 -24.25
CA PRO A 585 20.75 -2.68 -23.25
C PRO A 585 20.60 -1.26 -23.84
N HIS A 586 19.79 -0.42 -23.20
CA HIS A 586 19.62 0.95 -23.67
C HIS A 586 19.52 1.95 -22.52
N THR A 587 19.81 3.21 -22.81
CA THR A 587 19.80 4.26 -21.80
C THR A 587 18.76 5.35 -22.07
N LYS A 588 18.22 5.38 -23.29
CA LYS A 588 17.22 6.37 -23.64
C LYS A 588 16.03 5.70 -24.31
N PHE A 589 14.85 5.97 -23.76
CA PHE A 589 13.62 5.43 -24.29
C PHE A 589 12.51 6.42 -24.02
N GLU A 590 11.42 6.30 -24.76
CA GLU A 590 10.24 7.11 -24.47
C GLU A 590 9.07 6.22 -24.07
N SER A 591 8.41 6.62 -22.98
CA SER A 591 7.39 5.79 -22.37
C SER A 591 6.16 6.63 -22.04
N GLU A 592 5.16 5.99 -21.44
CA GLU A 592 3.99 6.69 -20.92
C GLU A 592 3.72 6.15 -19.53
N VAL A 593 3.73 7.02 -18.54
CA VAL A 593 3.55 6.59 -17.17
C VAL A 593 2.37 7.27 -16.51
N TYR A 594 1.84 6.62 -15.49
CA TYR A 594 0.90 7.26 -14.59
C TYR A 594 1.65 7.49 -13.30
N ILE A 595 1.59 8.71 -12.79
CA ILE A 595 2.22 8.99 -11.52
C ILE A 595 1.14 9.12 -10.44
N LEU A 596 1.40 8.49 -9.29
CA LEU A 596 0.37 8.26 -8.28
C LEU A 596 -0.19 9.53 -7.68
N SER A 597 -1.47 9.49 -7.34
CA SER A 597 -2.10 10.62 -6.68
C SER A 597 -1.69 10.64 -5.21
N LYS A 598 -2.10 11.67 -4.51
CA LYS A 598 -1.87 11.79 -3.07
C LYS A 598 -2.42 10.54 -2.38
N ASP A 599 -3.74 10.41 -2.45
CA ASP A 599 -4.49 9.29 -1.87
C ASP A 599 -3.81 7.93 -2.07
N GLU A 600 -3.43 7.66 -3.32
CA GLU A 600 -2.79 6.41 -3.67
C GLU A 600 -1.36 6.30 -3.13
N GLY A 601 -1.02 7.17 -2.19
CA GLY A 601 0.29 7.16 -1.56
C GLY A 601 1.46 7.55 -2.46
N GLY A 602 1.18 8.40 -3.43
CA GLY A 602 2.22 8.88 -4.32
C GLY A 602 2.71 10.20 -3.78
N ARG A 603 3.30 11.01 -4.65
CA ARG A 603 3.72 12.35 -4.26
C ARG A 603 2.50 13.15 -3.81
N HIS A 604 2.67 14.05 -2.86
CA HIS A 604 1.59 14.96 -2.50
C HIS A 604 1.93 16.35 -3.03
N THR A 605 2.97 16.38 -3.86
CA THR A 605 3.51 17.61 -4.43
C THR A 605 3.89 17.37 -5.87
N PRO A 606 3.41 18.23 -6.78
CA PRO A 606 3.80 18.17 -8.20
C PRO A 606 5.31 18.30 -8.42
N PHE A 607 5.73 18.10 -9.66
CA PHE A 607 7.12 18.24 -10.04
C PHE A 607 7.16 18.74 -11.47
N PHE A 608 8.33 19.14 -11.96
CA PHE A 608 8.41 19.88 -13.23
C PHE A 608 9.44 19.38 -14.24
N LYS A 609 10.26 20.31 -14.72
CA LYS A 609 11.25 20.04 -15.77
C LYS A 609 12.35 19.03 -15.39
N GLY A 610 12.85 19.11 -14.16
CA GLY A 610 14.01 18.34 -13.75
C GLY A 610 13.78 17.22 -12.76
N TYR A 611 12.88 16.31 -13.10
CA TYR A 611 12.61 15.19 -12.23
C TYR A 611 13.72 14.16 -12.38
N ARG A 612 14.26 13.72 -11.26
CA ARG A 612 15.43 12.82 -11.25
C ARG A 612 15.30 11.70 -10.23
N PRO A 613 14.38 10.76 -10.47
CA PRO A 613 14.03 9.60 -9.63
C PRO A 613 14.75 8.29 -9.97
N GLN A 614 14.29 7.21 -9.35
CA GLN A 614 14.75 5.89 -9.71
C GLN A 614 13.69 5.24 -10.58
N PHE A 615 14.11 4.29 -11.41
CA PHE A 615 13.19 3.57 -12.28
C PHE A 615 13.36 2.07 -12.10
N TYR A 616 12.48 1.44 -11.33
CA TYR A 616 12.63 0.04 -10.95
C TYR A 616 12.30 -0.94 -12.09
N PHE A 617 13.29 -1.70 -12.53
CA PHE A 617 13.09 -2.67 -13.62
C PHE A 617 13.14 -4.12 -13.17
N ARG A 618 11.96 -4.68 -12.89
CA ARG A 618 11.77 -6.08 -12.48
C ARG A 618 12.61 -6.56 -11.29
N THR A 619 13.69 -5.85 -10.99
CA THR A 619 14.62 -6.33 -9.96
C THR A 619 15.56 -5.29 -9.35
N THR A 620 15.61 -4.08 -9.89
CA THR A 620 16.54 -3.09 -9.36
C THR A 620 16.26 -1.63 -9.72
N ASP A 621 16.54 -0.74 -8.75
CA ASP A 621 16.45 0.70 -8.95
C ASP A 621 17.58 1.15 -9.85
N VAL A 622 17.30 2.11 -10.72
CA VAL A 622 18.33 2.81 -11.48
C VAL A 622 17.93 4.27 -11.77
N THR A 623 18.75 5.20 -11.29
CA THR A 623 18.41 6.61 -11.35
C THR A 623 18.31 7.13 -12.80
N GLY A 624 17.49 8.16 -13.01
CA GLY A 624 17.29 8.70 -14.34
C GLY A 624 16.85 10.17 -14.38
N THR A 625 16.80 10.70 -15.59
CA THR A 625 16.41 12.08 -15.82
C THR A 625 15.32 12.13 -16.88
N ILE A 626 14.28 12.90 -16.64
CA ILE A 626 13.15 12.88 -17.54
C ILE A 626 12.85 14.23 -18.18
N GLU A 627 12.38 14.17 -19.41
CA GLU A 627 12.01 15.37 -20.17
C GLU A 627 10.55 15.32 -20.63
N LEU A 628 9.73 16.22 -20.07
CA LEU A 628 8.33 16.28 -20.45
C LEU A 628 8.20 16.50 -21.95
N PRO A 629 7.00 16.29 -22.50
CA PRO A 629 6.79 16.54 -23.93
C PRO A 629 6.53 18.01 -24.27
N GLU A 630 6.00 18.22 -25.47
CA GLU A 630 5.73 19.54 -26.01
C GLU A 630 4.56 20.26 -25.35
N GLY A 631 4.84 21.00 -24.29
CA GLY A 631 3.79 21.81 -23.68
C GLY A 631 3.65 21.65 -22.18
N VAL A 632 3.68 20.43 -21.70
CA VAL A 632 3.58 20.22 -20.27
C VAL A 632 4.85 20.76 -19.61
N GLU A 633 4.67 21.52 -18.54
CA GLU A 633 5.80 22.05 -17.80
C GLU A 633 5.74 21.61 -16.34
N MET A 634 4.53 21.48 -15.82
CA MET A 634 4.35 20.89 -14.50
C MET A 634 3.66 19.54 -14.61
N VAL A 635 3.81 18.70 -13.59
CA VAL A 635 3.06 17.46 -13.50
C VAL A 635 2.54 17.31 -12.07
N MET A 636 1.29 16.88 -11.94
CA MET A 636 0.64 16.79 -10.64
C MET A 636 0.45 15.37 -10.18
N PRO A 637 0.63 15.14 -8.87
CA PRO A 637 0.26 13.84 -8.29
C PRO A 637 -1.15 13.44 -8.72
N GLY A 638 -1.24 12.46 -9.62
CA GLY A 638 -2.52 11.93 -10.02
C GLY A 638 -2.89 12.08 -11.49
N ASP A 639 -1.95 12.50 -12.32
CA ASP A 639 -2.24 12.56 -13.75
C ASP A 639 -1.40 11.59 -14.59
N ASN A 640 -1.82 11.39 -15.83
CA ASN A 640 -1.10 10.55 -16.78
C ASN A 640 -0.05 11.38 -17.50
N ILE A 641 0.76 10.73 -18.32
CA ILE A 641 1.88 11.44 -18.93
C ILE A 641 2.67 10.58 -19.91
N LYS A 642 3.13 11.22 -20.98
CA LYS A 642 4.00 10.59 -21.95
C LYS A 642 5.32 11.33 -21.85
N MET A 643 6.39 10.61 -21.52
CA MET A 643 7.67 11.26 -21.20
C MET A 643 8.89 10.50 -21.72
N VAL A 644 10.01 11.20 -21.83
CA VAL A 644 11.26 10.61 -22.33
C VAL A 644 12.26 10.36 -21.21
N VAL A 645 12.37 9.11 -20.79
CA VAL A 645 13.26 8.72 -19.72
C VAL A 645 14.65 8.40 -20.26
N THR A 646 15.66 9.00 -19.64
CA THR A 646 17.05 8.78 -19.97
C THR A 646 17.81 8.43 -18.69
N LEU A 647 18.17 7.17 -18.53
CA LEU A 647 18.80 6.71 -17.30
C LEU A 647 20.32 6.94 -17.32
N ILE A 648 20.99 6.68 -16.20
CA ILE A 648 22.43 6.84 -16.11
C ILE A 648 23.22 5.71 -16.81
N HIS A 649 22.95 4.47 -16.44
CA HIS A 649 23.56 3.35 -17.15
C HIS A 649 22.52 2.45 -17.81
N PRO A 650 22.93 1.72 -18.85
CA PRO A 650 22.05 0.89 -19.68
C PRO A 650 21.29 -0.16 -18.89
N ILE A 651 20.18 -0.63 -19.46
CA ILE A 651 19.43 -1.76 -18.95
C ILE A 651 18.86 -2.53 -20.13
N ALA A 652 18.81 -3.85 -20.00
CA ALA A 652 18.30 -4.70 -21.07
C ALA A 652 16.76 -4.67 -21.14
N MET A 653 16.22 -4.32 -22.31
CA MET A 653 14.77 -4.14 -22.43
C MET A 653 14.19 -4.21 -23.84
N ASP A 654 12.86 -4.26 -23.91
CA ASP A 654 12.13 -4.06 -25.15
C ASP A 654 10.69 -3.66 -24.83
N ASP A 655 10.00 -3.09 -25.82
CA ASP A 655 8.67 -2.52 -25.65
C ASP A 655 7.58 -3.49 -25.14
N GLY A 656 6.89 -3.07 -24.09
CA GLY A 656 5.88 -3.89 -23.46
C GLY A 656 6.29 -4.14 -22.03
N LEU A 657 7.43 -3.57 -21.67
CA LEU A 657 8.03 -3.82 -20.36
C LEU A 657 7.65 -2.75 -19.34
N ARG A 658 7.21 -3.20 -18.17
CA ARG A 658 6.78 -2.28 -17.11
C ARG A 658 7.89 -1.89 -16.14
N PHE A 659 7.86 -0.63 -15.72
CA PHE A 659 8.84 -0.13 -14.78
C PHE A 659 8.20 0.79 -13.73
N ALA A 660 8.52 0.54 -12.46
CA ALA A 660 7.99 1.35 -11.38
C ALA A 660 8.82 2.60 -11.26
N ILE A 661 8.16 3.72 -10.97
CA ILE A 661 8.85 4.97 -10.68
C ILE A 661 8.98 5.13 -9.18
N ARG A 662 10.22 5.22 -8.70
CA ARG A 662 10.50 5.07 -7.29
C ARG A 662 11.21 6.28 -6.70
N GLU A 663 11.09 6.44 -5.39
CA GLU A 663 11.63 7.59 -4.71
C GLU A 663 12.15 7.15 -3.35
N GLY A 664 13.47 7.01 -3.23
CA GLY A 664 14.07 6.62 -1.97
C GLY A 664 13.26 5.51 -1.30
N GLY A 665 12.88 4.53 -2.10
CA GLY A 665 12.21 3.35 -1.58
C GLY A 665 10.76 3.24 -1.97
N ARG A 666 10.06 4.37 -2.02
CA ARG A 666 8.62 4.39 -2.24
C ARG A 666 8.22 4.58 -3.71
N THR A 667 7.21 3.82 -4.14
CA THR A 667 6.69 3.98 -5.49
C THR A 667 5.71 5.13 -5.51
N VAL A 668 5.88 5.99 -6.52
CA VAL A 668 5.04 7.17 -6.67
C VAL A 668 4.55 7.20 -8.10
N GLY A 669 4.84 6.13 -8.82
CA GLY A 669 4.42 5.98 -10.20
C GLY A 669 4.79 4.63 -10.77
N ALA A 670 4.33 4.40 -11.99
CA ALA A 670 4.65 3.22 -12.77
C ALA A 670 4.46 3.64 -14.20
N GLY A 671 4.95 2.86 -15.14
CA GLY A 671 4.83 3.25 -16.54
C GLY A 671 5.38 2.22 -17.50
N VAL A 672 4.89 2.25 -18.74
CA VAL A 672 5.29 1.26 -19.74
C VAL A 672 6.14 1.88 -20.84
N VAL A 673 6.87 1.04 -21.55
CA VAL A 673 7.85 1.51 -22.54
C VAL A 673 7.36 1.35 -23.98
N ALA A 674 7.30 2.47 -24.71
CA ALA A 674 6.76 2.49 -26.07
C ALA A 674 7.84 2.40 -27.16
N LYS A 675 8.66 3.44 -27.27
CA LYS A 675 9.74 3.47 -28.25
C LYS A 675 11.13 3.69 -27.63
N VAL A 676 12.03 2.74 -27.90
CA VAL A 676 13.41 2.80 -27.42
C VAL A 676 14.26 3.81 -28.20
N LEU A 677 14.19 5.07 -27.80
CA LEU A 677 14.97 6.10 -28.48
C LEU A 677 16.41 5.63 -28.58
N SER A 678 17.22 6.35 -29.36
CA SER A 678 18.53 5.81 -29.79
C SER A 678 19.71 5.91 -28.77
N GLY A 679 19.55 6.75 -27.75
CA GLY A 679 20.42 6.73 -26.58
C GLY A 679 21.80 7.35 -26.74
N ALA A 680 21.85 8.66 -26.47
CA ALA A 680 22.99 9.53 -26.78
C ALA A 680 24.21 9.35 -25.90
N SER A 700 22.30 18.26 -5.12
CA SER A 700 23.51 18.45 -4.31
C SER A 700 23.71 17.57 -3.06
N SER A 701 24.79 17.89 -2.36
CA SER A 701 25.37 17.11 -1.26
C SER A 701 26.64 17.90 -0.98
N ARG A 702 27.39 17.57 0.07
CA ARG A 702 28.56 18.41 0.37
C ARG A 702 29.75 17.72 1.00
N ASN A 703 30.85 18.47 1.06
CA ASN A 703 32.04 18.10 1.83
C ASN A 703 31.69 18.24 3.31
N SER A 704 32.13 19.35 3.89
CA SER A 704 31.83 19.65 5.28
C SER A 704 30.37 20.12 5.42
N LEU A 705 29.47 19.16 5.32
CA LEU A 705 28.05 19.34 5.58
C LEU A 705 27.54 17.93 5.81
N SER A 706 27.67 17.11 4.80
CA SER A 706 27.55 15.69 5.01
C SER A 706 28.57 15.35 6.10
N ALA A 707 29.74 15.99 5.99
CA ALA A 707 30.88 15.71 6.87
C ALA A 707 30.86 16.58 8.12
N GLN A 708 30.19 17.71 8.03
CA GLN A 708 30.08 18.63 9.15
C GLN A 708 29.06 18.06 10.13
N LEU A 709 28.11 17.32 9.59
CA LEU A 709 27.08 16.68 10.37
C LEU A 709 27.68 15.46 11.02
N ARG A 710 28.37 14.66 10.20
CA ARG A 710 29.00 13.43 10.64
C ARG A 710 29.72 13.66 11.95
N ARG A 711 30.54 14.71 11.97
CA ARG A 711 31.28 15.09 13.16
C ARG A 711 30.31 15.23 14.33
N ALA A 712 29.54 16.32 14.31
CA ALA A 712 28.45 16.52 15.25
C ALA A 712 27.90 15.20 15.72
N ALA A 713 27.27 14.52 14.79
CA ALA A 713 26.62 13.25 15.07
C ALA A 713 27.49 12.38 15.95
N ASN A 714 28.78 12.33 15.65
CA ASN A 714 29.68 11.45 16.39
C ASN A 714 30.09 12.01 17.73
N THR A 715 29.97 13.32 17.87
CA THR A 715 30.34 13.96 19.10
C THR A 715 29.62 13.28 20.24
N ARG A 716 30.19 13.34 21.42
CA ARG A 716 29.51 12.82 22.59
C ARG A 716 29.00 13.99 23.40
N ILE A 717 27.68 14.24 23.33
CA ILE A 717 26.99 15.16 24.23
C ILE A 717 27.39 14.86 25.68
N GLU A 718 27.57 15.88 26.51
CA GLU A 718 27.99 15.58 27.89
C GLU A 718 27.47 16.49 28.97
N VAL A 719 27.21 15.89 30.14
CA VAL A 719 26.53 16.58 31.22
C VAL A 719 26.80 15.96 32.58
N GLU A 720 26.63 16.77 33.61
CA GLU A 720 26.85 16.35 34.99
C GLU A 720 25.65 15.60 35.53
N GLY A 721 25.83 14.31 35.80
CA GLY A 721 24.81 13.50 36.45
C GLY A 721 23.97 12.59 35.55
N ASN A 722 22.69 12.50 35.86
CA ASN A 722 21.76 11.71 35.05
C ASN A 722 20.96 12.62 34.13
N LEU A 723 21.31 12.61 32.85
CA LEU A 723 20.64 13.47 31.88
C LEU A 723 19.17 13.09 31.77
N ALA A 724 18.92 11.81 31.53
CA ALA A 724 17.55 11.34 31.44
C ALA A 724 16.76 11.77 32.68
N LEU A 725 17.24 11.36 33.85
CA LEU A 725 16.53 11.64 35.09
C LEU A 725 16.19 13.11 35.23
N SER A 726 16.98 13.99 34.63
CA SER A 726 16.67 15.40 34.70
C SER A 726 15.62 15.76 33.65
N ILE A 727 15.77 15.25 32.43
CA ILE A 727 14.76 15.49 31.40
C ILE A 727 13.39 15.03 31.90
N ALA A 728 13.41 14.09 32.84
CA ALA A 728 12.17 13.66 33.45
C ALA A 728 11.63 14.76 34.34
N ASN A 729 12.30 14.98 35.48
CA ASN A 729 11.84 15.92 36.49
C ASN A 729 11.43 17.28 35.97
N ASP A 730 12.13 17.75 34.94
CA ASP A 730 11.83 19.05 34.35
C ASP A 730 10.53 19.00 33.57
N LEU A 731 10.09 17.79 33.21
CA LEU A 731 8.82 17.57 32.54
C LEU A 731 7.71 17.34 33.57
N LEU A 732 8.07 16.66 34.66
CA LEU A 732 7.19 16.52 35.81
C LEU A 732 6.86 17.90 36.31
N LEU A 733 7.90 18.72 36.47
CA LEU A 733 7.72 20.09 36.91
C LEU A 733 6.87 20.90 35.93
N ALA A 734 7.13 20.69 34.64
CA ALA A 734 6.42 21.37 33.57
C ALA A 734 4.91 21.19 33.69
N TYR A 735 4.51 20.09 34.32
CA TYR A 735 3.11 19.70 34.45
C TYR A 735 2.56 19.83 35.87
N GLY A 736 3.36 20.38 36.78
CA GLY A 736 2.93 20.65 38.13
C GLY A 736 3.04 19.46 39.06
N GLN A 737 4.06 18.64 38.84
CA GLN A 737 4.11 17.32 39.44
C GLN A 737 5.36 16.99 40.28
N SER A 738 5.21 17.07 41.60
CA SER A 738 6.28 16.75 42.55
C SER A 738 7.24 15.74 41.96
N PRO A 739 8.46 16.20 41.65
CA PRO A 739 9.40 15.40 40.85
C PRO A 739 9.99 14.23 41.64
N PHE A 740 10.59 13.30 40.91
CA PHE A 740 11.25 12.16 41.50
C PHE A 740 12.27 12.65 42.51
N ASN A 741 12.33 12.01 43.67
CA ASN A 741 13.27 12.39 44.73
C ASN A 741 14.60 11.63 44.67
N SER A 742 14.53 10.34 44.39
CA SER A 742 15.72 9.50 44.31
C SER A 742 15.60 8.53 43.14
N GLU A 743 16.73 8.07 42.63
CA GLU A 743 16.71 7.03 41.60
C GLU A 743 15.80 5.92 42.08
N ALA A 744 15.79 5.71 43.40
CA ALA A 744 14.95 4.73 44.06
C ALA A 744 13.50 4.80 43.58
N GLU A 745 13.03 6.01 43.31
CA GLU A 745 11.61 6.21 43.00
C GLU A 745 11.22 5.94 41.55
N CYS A 746 12.03 6.40 40.58
CA CYS A 746 11.71 6.26 39.15
C CYS A 746 10.95 5.01 38.80
N ILE A 747 11.12 3.99 39.64
CA ILE A 747 10.62 2.66 39.35
C ILE A 747 9.77 2.07 40.49
N SER A 748 9.53 2.87 41.53
CA SER A 748 8.67 2.46 42.64
C SER A 748 7.49 3.44 42.82
N PHE A 749 7.04 4.01 41.71
CA PHE A 749 5.94 4.95 41.74
C PHE A 749 4.75 4.35 41.00
N SER A 750 3.59 4.44 41.65
CA SER A 750 2.38 3.76 41.21
C SER A 750 1.28 4.78 40.94
N PRO A 751 0.80 4.87 39.69
CA PRO A 751 -0.17 5.90 39.28
C PRO A 751 -1.40 5.94 40.17
N ARG A 752 -2.13 7.04 40.13
CA ARG A 752 -3.47 7.05 40.71
C ARG A 752 -4.42 6.93 39.51
N PHE A 753 -5.52 6.20 39.70
CA PHE A 753 -6.41 5.88 38.58
C PHE A 753 -7.70 6.69 38.55
N ASP A 754 -7.64 7.95 39.00
CA ASP A 754 -8.78 8.85 38.92
C ASP A 754 -8.45 10.07 38.06
N GLY A 755 -8.30 11.24 38.66
CA GLY A 755 -8.02 12.48 37.95
C GLY A 755 -8.69 12.61 36.58
N THR A 756 -8.70 13.81 36.03
CA THR A 756 -9.23 13.96 34.67
C THR A 756 -8.38 13.02 33.82
N PRO A 757 -8.70 12.83 32.52
CA PRO A 757 -7.72 12.09 31.71
C PRO A 757 -6.32 12.75 31.71
N ASP A 758 -6.23 14.02 31.36
CA ASP A 758 -4.97 14.73 31.44
C ASP A 758 -4.30 14.56 32.81
N ASP A 759 -5.08 14.62 33.89
CA ASP A 759 -4.53 14.50 35.24
C ASP A 759 -3.89 13.15 35.48
N PHE A 760 -4.19 12.22 34.59
CA PHE A 760 -3.62 10.90 34.66
C PHE A 760 -2.46 10.81 33.69
N ARG A 761 -2.75 10.98 32.41
CA ARG A 761 -1.78 10.77 31.34
C ARG A 761 -0.40 11.18 31.74
N ILE A 762 -0.33 12.29 32.46
CA ILE A 762 0.94 12.74 32.98
C ILE A 762 1.40 11.78 34.07
N ASN A 763 0.61 11.66 35.14
CA ASN A 763 0.95 10.82 36.28
C ASN A 763 1.31 9.42 35.84
N TYR A 764 0.72 9.02 34.72
CA TYR A 764 1.03 7.72 34.15
C TYR A 764 2.40 7.74 33.52
N LEU A 765 2.60 8.63 32.56
CA LEU A 765 3.91 8.81 31.99
C LEU A 765 4.96 8.89 33.09
N LYS A 766 4.58 9.46 34.24
CA LYS A 766 5.49 9.55 35.37
C LYS A 766 5.86 8.22 36.02
N ALA A 767 4.87 7.36 36.22
CA ALA A 767 5.14 6.04 36.79
C ALA A 767 6.01 5.18 35.87
N GLU A 768 5.77 5.32 34.57
CA GLU A 768 6.41 4.48 33.56
C GLU A 768 7.78 4.98 33.06
N ILE A 769 7.76 5.91 32.11
CA ILE A 769 8.95 6.61 31.59
C ILE A 769 10.34 6.07 32.01
N MET A 770 10.64 6.15 33.30
CA MET A 770 11.96 5.79 33.78
C MET A 770 12.08 4.30 34.03
N SER A 771 10.99 3.70 34.50
CA SER A 771 10.93 2.28 34.84
C SER A 771 12.07 1.39 34.31
N LYS A 772 12.28 1.40 32.98
CA LYS A 772 13.22 0.47 32.33
C LYS A 772 14.60 1.06 32.04
N TYR A 773 15.08 1.95 32.91
CA TYR A 773 16.38 2.59 32.72
C TYR A 773 17.47 1.67 33.27
N ASP A 774 18.30 1.16 32.37
CA ASP A 774 19.29 0.13 32.68
C ASP A 774 20.46 0.62 33.53
N ASP A 775 20.56 1.93 33.68
CA ASP A 775 21.79 2.53 34.15
C ASP A 775 21.75 3.02 35.59
N PHE A 776 20.63 2.78 36.28
CA PHE A 776 20.54 3.24 37.64
C PHE A 776 21.68 2.63 38.42
N SER A 777 22.53 3.48 38.99
CA SER A 777 23.57 2.96 39.86
C SER A 777 22.86 2.41 41.10
N LEU A 778 22.48 3.33 42.00
CA LEU A 778 21.66 3.00 43.17
C LEU A 778 20.92 1.66 43.04
N GLY A 779 21.58 0.57 43.40
CA GLY A 779 20.94 -0.72 43.29
C GLY A 779 21.78 -1.96 43.55
N ILE A 780 21.48 -2.62 44.66
CA ILE A 780 21.93 -3.99 44.91
C ILE A 780 21.31 -4.95 43.87
N ASP A 781 20.89 -4.36 42.75
CA ASP A 781 20.12 -5.06 41.74
C ASP A 781 21.02 -5.62 40.65
N THR A 782 20.70 -6.83 40.20
CA THR A 782 21.57 -7.58 39.30
C THR A 782 20.74 -8.35 38.25
N GLU A 783 21.26 -9.48 37.82
CA GLU A 783 20.54 -10.43 36.98
C GLU A 783 20.55 -11.75 37.71
N ALA A 784 21.30 -11.79 38.81
CA ALA A 784 21.24 -12.93 39.73
C ALA A 784 19.80 -13.01 40.22
N VAL A 785 19.16 -11.85 40.29
CA VAL A 785 17.74 -11.78 40.56
C VAL A 785 17.02 -12.53 39.44
N ALA A 786 17.49 -12.32 38.22
CA ALA A 786 16.90 -12.89 37.00
C ALA A 786 16.78 -14.42 37.03
N TRP A 787 17.82 -15.07 37.54
CA TRP A 787 17.86 -16.53 37.65
C TRP A 787 17.09 -17.00 38.88
N GLU A 788 17.29 -16.33 40.02
CA GLU A 788 16.44 -16.55 41.20
C GLU A 788 14.97 -16.66 40.80
N LYS A 789 14.59 -15.87 39.80
CA LYS A 789 13.22 -15.84 39.27
C LYS A 789 12.94 -17.06 38.43
N PHE A 790 13.81 -17.32 37.47
CA PHE A 790 13.67 -18.46 36.57
C PHE A 790 13.82 -19.79 37.32
N LEU A 791 14.33 -19.73 38.54
CA LEU A 791 14.53 -20.92 39.34
C LEU A 791 13.29 -21.35 40.09
N ALA A 792 12.36 -20.42 40.32
CA ALA A 792 11.05 -20.83 40.79
C ALA A 792 10.11 -21.09 39.62
N ALA A 793 10.49 -20.62 38.43
CA ALA A 793 9.76 -20.94 37.21
C ALA A 793 9.69 -22.46 37.08
N GLU A 794 10.75 -23.12 37.52
CA GLU A 794 10.79 -24.58 37.51
C GLU A 794 10.07 -25.15 38.73
N ALA A 795 10.57 -24.78 39.91
CA ALA A 795 9.99 -25.19 41.20
C ALA A 795 8.46 -25.16 41.23
N GLU A 796 7.91 -24.16 40.55
CA GLU A 796 6.49 -24.13 40.29
C GLU A 796 6.15 -25.16 39.25
N CYS A 797 6.63 -24.94 38.03
CA CYS A 797 6.35 -25.85 36.94
C CYS A 797 6.28 -27.32 37.37
N ALA A 798 7.23 -27.74 38.19
CA ALA A 798 7.21 -29.07 38.78
C ALA A 798 5.88 -29.34 39.48
N LEU A 799 5.64 -28.63 40.58
CA LEU A 799 4.40 -28.77 41.34
C LEU A 799 3.14 -28.91 40.50
N THR A 800 3.10 -28.24 39.34
CA THR A 800 1.94 -28.32 38.46
C THR A 800 2.01 -29.52 37.51
N ASN A 801 3.22 -29.97 37.23
CA ASN A 801 3.36 -31.24 36.53
C ASN A 801 2.89 -32.38 37.42
N ALA A 802 2.98 -32.15 38.73
CA ALA A 802 2.60 -33.15 39.73
C ALA A 802 1.10 -33.12 39.95
N ARG A 803 0.62 -31.96 40.38
CA ARG A 803 -0.80 -31.66 40.53
C ARG A 803 -1.60 -32.26 39.39
N LEU A 804 -1.11 -32.03 38.17
CA LEU A 804 -1.88 -32.34 36.96
C LEU A 804 -1.98 -33.82 36.58
N TYR A 805 -1.28 -34.68 37.31
CA TYR A 805 -1.45 -36.14 37.20
C TYR A 805 -1.81 -36.77 38.55
N ARG A 806 -3.10 -36.79 38.88
CA ARG A 806 -3.60 -37.49 40.07
C ARG A 806 -5.06 -37.27 40.53
N PRO A 807 -5.79 -36.29 39.95
CA PRO A 807 -7.18 -36.03 40.38
C PRO A 807 -8.23 -37.19 40.29
N ASP A 808 -8.31 -37.99 41.36
CA ASP A 808 -9.44 -38.91 41.59
C ASP A 808 -9.90 -38.82 43.05
N TYR A 809 -10.87 -37.95 43.29
CA TYR A 809 -11.21 -37.49 44.64
C TYR A 809 -11.81 -38.50 45.62
N SER A 810 -11.48 -39.78 45.45
CA SER A 810 -11.91 -40.83 46.39
C SER A 810 -13.42 -41.03 46.38
N GLU A 811 -14.16 -40.01 45.98
CA GLU A 811 -15.61 -40.08 45.85
C GLU A 811 -16.02 -39.60 44.46
N ASP A 812 -17.27 -39.18 44.33
CA ASP A 812 -17.77 -38.68 43.05
C ASP A 812 -18.22 -37.21 43.13
N PHE A 813 -18.45 -36.74 44.35
CA PHE A 813 -18.99 -35.39 44.56
C PHE A 813 -18.15 -34.29 43.86
N ASN A 814 -16.86 -34.21 44.20
CA ASN A 814 -15.98 -33.12 43.75
C ASN A 814 -15.83 -32.86 42.24
N PHE A 815 -16.25 -31.67 41.80
CA PHE A 815 -16.00 -31.20 40.43
C PHE A 815 -15.42 -29.80 40.47
N SER A 816 -14.18 -29.64 39.97
CA SER A 816 -13.45 -28.36 39.99
C SER A 816 -13.34 -27.68 38.62
N LEU A 817 -13.36 -26.35 38.65
CA LEU A 817 -13.45 -25.53 37.44
C LEU A 817 -12.26 -25.76 36.51
N GLY A 818 -11.13 -26.13 37.11
CA GLY A 818 -9.94 -26.41 36.34
C GLY A 818 -10.22 -27.55 35.40
N GLU A 819 -10.23 -28.74 35.98
CA GLU A 819 -10.43 -29.98 35.24
C GLU A 819 -11.32 -29.74 34.03
N SER A 820 -12.40 -29.01 34.28
CA SER A 820 -13.47 -28.83 33.32
C SER A 820 -12.98 -28.10 32.08
N CYS A 821 -12.34 -26.95 32.31
CA CYS A 821 -11.97 -26.13 31.19
C CYS A 821 -10.91 -26.80 30.33
N ILE A 822 -9.95 -27.44 31.00
CA ILE A 822 -8.91 -28.15 30.26
C ILE A 822 -9.56 -29.28 29.47
N HIS A 823 -10.70 -29.74 29.97
CA HIS A 823 -11.51 -30.73 29.27
C HIS A 823 -12.21 -30.13 28.06
N MET A 824 -12.72 -28.92 28.20
CA MET A 824 -13.33 -28.29 27.06
C MET A 824 -12.21 -27.92 26.14
N ALA A 825 -11.21 -27.28 26.71
CA ALA A 825 -9.99 -26.95 26.01
C ALA A 825 -9.56 -28.06 25.07
N ARG A 826 -9.30 -29.24 25.63
CA ARG A 826 -8.67 -30.26 24.83
C ARG A 826 -9.47 -30.49 23.56
N ARG A 827 -10.78 -30.41 23.71
CA ARG A 827 -11.70 -30.75 22.65
C ARG A 827 -11.73 -29.67 21.58
N LYS A 828 -12.06 -28.46 22.04
CA LYS A 828 -12.00 -27.27 21.22
C LYS A 828 -10.70 -27.34 20.47
N ILE A 829 -9.61 -27.43 21.24
CA ILE A 829 -8.27 -27.36 20.69
C ILE A 829 -8.16 -28.24 19.49
N ALA A 830 -8.49 -29.51 19.72
CA ALA A 830 -8.35 -30.54 18.71
C ALA A 830 -9.20 -30.25 17.48
N LYS A 831 -10.44 -29.84 17.70
CA LYS A 831 -11.28 -29.50 16.58
C LYS A 831 -10.52 -28.61 15.60
N LEU A 832 -9.83 -27.60 16.14
CA LEU A 832 -9.12 -26.60 15.34
C LEU A 832 -7.87 -27.14 14.70
N ILE A 833 -7.04 -27.76 15.53
CA ILE A 833 -5.66 -28.14 15.20
C ILE A 833 -5.44 -29.18 14.08
N GLY A 834 -5.99 -30.39 14.27
CA GLY A 834 -5.64 -31.57 13.48
C GLY A 834 -5.28 -32.67 14.46
N ASP A 835 -5.10 -33.90 13.99
CA ASP A 835 -4.71 -35.00 14.88
C ASP A 835 -3.20 -35.02 15.07
N VAL A 836 -2.54 -34.41 14.10
CA VAL A 836 -1.10 -34.32 14.05
C VAL A 836 -0.75 -33.42 12.88
N PRO A 837 0.32 -32.63 13.05
CA PRO A 837 0.81 -31.68 12.04
C PRO A 837 0.99 -32.35 10.70
N SER A 838 0.13 -32.04 9.74
CA SER A 838 0.33 -32.52 8.37
C SER A 838 1.78 -32.27 8.00
N VAL A 839 2.20 -32.72 6.83
CA VAL A 839 3.57 -32.42 6.37
C VAL A 839 3.53 -31.32 5.30
N GLU A 840 2.44 -31.31 4.54
CA GLU A 840 2.17 -30.26 3.56
C GLU A 840 2.38 -28.88 4.17
N GLY A 841 2.02 -28.76 5.45
CA GLY A 841 2.15 -27.51 6.18
C GLY A 841 3.37 -27.44 7.08
N MET A 842 4.12 -28.54 7.13
CA MET A 842 5.35 -28.56 7.90
C MET A 842 6.49 -28.04 7.03
N LEU A 843 6.32 -28.19 5.72
CA LEU A 843 7.39 -27.86 4.76
C LEU A 843 7.34 -26.44 4.20
N ARG A 844 6.19 -25.78 4.32
CA ARG A 844 6.13 -24.37 3.97
C ARG A 844 6.38 -23.49 5.22
N HIS A 845 6.08 -24.05 6.39
CA HIS A 845 6.14 -23.31 7.64
C HIS A 845 7.45 -23.48 8.41
N CYS A 846 8.29 -24.41 7.98
CA CYS A 846 9.63 -24.50 8.54
C CYS A 846 10.54 -23.54 7.82
N ARG A 847 11.33 -22.81 8.59
CA ARG A 847 12.30 -21.89 8.01
C ARG A 847 13.33 -21.50 9.06
N PHE A 848 14.53 -21.16 8.60
CA PHE A 848 15.56 -20.68 9.49
C PHE A 848 15.22 -19.24 9.70
N SER A 849 15.83 -18.65 10.72
CA SER A 849 15.91 -17.19 10.83
C SER A 849 16.16 -16.69 12.24
N GLY A 850 16.59 -15.43 12.30
CA GLY A 850 16.83 -14.78 13.55
C GLY A 850 18.31 -14.81 13.80
N GLY A 851 18.69 -14.99 15.06
CA GLY A 851 20.08 -14.92 15.42
C GLY A 851 20.60 -16.15 16.13
N ALA A 852 20.57 -16.12 17.44
CA ALA A 852 21.31 -17.07 18.26
C ALA A 852 20.86 -18.53 18.16
N THR A 853 21.76 -19.38 17.71
CA THR A 853 21.57 -20.80 17.87
C THR A 853 22.73 -21.26 18.73
N THR A 854 22.52 -22.30 19.52
CA THR A 854 23.56 -22.92 20.33
C THR A 854 24.95 -22.97 19.63
N THR A 855 24.95 -22.99 18.29
CA THR A 855 26.18 -22.97 17.48
C THR A 855 26.54 -21.58 16.95
N ASN A 856 25.56 -20.84 16.42
CA ASN A 856 25.76 -19.47 16.00
C ASN A 856 25.59 -18.44 17.13
N ASN A 857 26.06 -17.22 16.90
CA ASN A 857 25.93 -16.19 17.91
C ASN A 857 25.34 -14.97 17.26
N ARG A 858 24.88 -14.03 18.08
CA ARG A 858 24.22 -12.84 17.58
C ARG A 858 24.81 -12.40 16.25
N SER A 859 26.14 -12.27 16.22
CA SER A 859 26.90 -11.88 15.04
C SER A 859 26.75 -12.79 13.79
N TYR A 860 26.59 -14.10 13.99
CA TYR A 860 26.34 -15.04 12.88
C TYR A 860 24.90 -15.48 12.91
N GLY A 861 23.98 -14.52 12.96
CA GLY A 861 22.57 -14.81 13.09
C GLY A 861 21.81 -15.03 11.80
N HIS A 862 22.00 -14.13 10.83
CA HIS A 862 21.34 -14.21 9.52
C HIS A 862 21.25 -15.65 9.04
N PRO A 863 20.04 -16.08 8.60
CA PRO A 863 19.76 -17.47 8.18
C PRO A 863 20.80 -18.19 7.29
N SER A 864 21.64 -17.45 6.56
CA SER A 864 22.65 -18.06 5.69
C SER A 864 23.83 -18.65 6.47
N PHE A 865 24.01 -18.17 7.70
CA PHE A 865 24.99 -18.74 8.62
C PHE A 865 24.38 -19.92 9.37
N LYS A 866 23.19 -20.32 8.94
CA LYS A 866 22.50 -21.48 9.50
C LYS A 866 22.56 -22.61 8.50
N PHE A 867 22.59 -22.26 7.22
CA PHE A 867 22.90 -23.18 6.12
C PHE A 867 24.41 -23.21 5.90
N ALA A 868 25.08 -22.11 6.22
CA ALA A 868 26.53 -22.00 6.09
C ALA A 868 27.23 -22.97 7.04
N LEU A 869 27.06 -22.77 8.34
CA LEU A 869 27.63 -23.68 9.34
C LEU A 869 26.58 -24.69 9.81
N PRO A 870 27.00 -25.96 9.98
CA PRO A 870 26.24 -27.12 10.50
C PRO A 870 25.74 -26.90 11.93
N GLN A 871 24.42 -27.07 12.12
CA GLN A 871 23.72 -26.63 13.33
C GLN A 871 23.32 -27.79 14.23
N ALA A 872 23.33 -27.55 15.54
CA ALA A 872 23.02 -28.59 16.53
C ALA A 872 21.73 -29.37 16.23
N CYS A 873 21.31 -30.20 17.18
CA CYS A 873 20.17 -31.08 16.98
C CYS A 873 19.83 -31.86 18.24
N THR A 874 18.58 -31.76 18.68
CA THR A 874 18.16 -32.55 19.82
C THR A 874 18.18 -34.01 19.32
N PRO A 875 18.42 -34.97 20.23
CA PRO A 875 18.52 -36.38 19.80
C PRO A 875 17.27 -36.74 19.01
N ARG A 876 16.14 -36.56 19.69
CA ARG A 876 14.83 -36.89 19.16
C ARG A 876 14.59 -36.31 17.76
N ALA A 877 14.78 -35.00 17.66
CA ALA A 877 14.50 -34.24 16.46
C ALA A 877 15.29 -34.71 15.23
N LEU A 878 16.35 -35.46 15.47
CA LEU A 878 17.19 -35.90 14.37
C LEU A 878 16.35 -36.20 13.14
N LYS A 879 15.55 -37.26 13.20
CA LYS A 879 14.80 -37.73 12.04
C LYS A 879 14.39 -36.60 11.10
N TYR A 880 13.76 -35.58 11.65
CA TYR A 880 13.23 -34.50 10.82
C TYR A 880 14.29 -34.05 9.85
N VAL A 881 15.45 -33.65 10.39
CA VAL A 881 16.51 -33.12 9.55
C VAL A 881 16.95 -34.13 8.48
N LEU A 882 16.86 -35.40 8.83
CA LEU A 882 17.22 -36.45 7.87
C LEU A 882 16.17 -36.49 6.78
N ALA A 883 14.94 -36.26 7.18
CA ALA A 883 13.83 -36.21 6.23
C ALA A 883 13.98 -34.99 5.34
N LEU A 884 14.50 -33.91 5.91
CA LEU A 884 14.82 -32.74 5.11
C LEU A 884 15.88 -33.12 4.09
N ARG A 885 17.01 -33.62 4.60
CA ARG A 885 18.12 -34.02 3.76
C ARG A 885 17.65 -34.94 2.64
N ALA A 886 16.78 -35.88 3.01
CA ALA A 886 16.22 -36.83 2.07
C ALA A 886 15.44 -36.20 0.92
N SER A 887 15.38 -34.86 0.91
CA SER A 887 14.49 -34.12 0.01
C SER A 887 15.21 -32.98 -0.68
N THR A 888 16.49 -32.84 -0.38
CA THR A 888 17.36 -31.94 -1.12
C THR A 888 18.66 -32.65 -1.51
N HIS A 889 19.30 -32.17 -2.57
CA HIS A 889 20.57 -32.73 -2.99
C HIS A 889 21.74 -31.97 -2.38
N PHE A 890 21.43 -30.83 -1.78
CA PHE A 890 22.44 -30.11 -1.02
C PHE A 890 22.60 -30.84 0.30
N ASP A 891 23.74 -30.71 0.93
CA ASP A 891 24.04 -31.53 2.09
C ASP A 891 23.63 -30.87 3.38
N ILE A 892 22.58 -31.40 3.97
CA ILE A 892 22.12 -30.85 5.22
C ILE A 892 23.00 -31.38 6.34
N ARG A 893 24.20 -30.83 6.45
CA ARG A 893 25.09 -31.23 7.51
C ARG A 893 24.44 -30.97 8.84
N ILE A 894 24.87 -31.68 9.87
CA ILE A 894 24.59 -31.30 11.25
C ILE A 894 25.90 -31.33 12.05
N SER A 895 26.09 -30.36 12.93
CA SER A 895 27.24 -30.36 13.81
C SER A 895 26.84 -31.29 14.91
N ASP A 896 27.27 -31.04 16.13
CA ASP A 896 26.89 -31.87 17.27
C ASP A 896 25.41 -32.36 17.34
N ILE A 897 25.08 -33.01 18.44
CA ILE A 897 23.76 -33.65 18.56
C ILE A 897 23.44 -33.87 20.04
N SER A 898 23.13 -32.77 20.73
CA SER A 898 22.76 -32.83 22.13
C SER A 898 21.29 -32.47 22.39
N PRO A 899 20.78 -32.87 23.56
CA PRO A 899 19.43 -32.53 24.00
C PRO A 899 19.47 -31.16 24.66
N PHE A 900 20.57 -30.42 24.44
CA PHE A 900 20.84 -29.18 25.18
C PHE A 900 20.62 -27.87 24.41
N ASN A 901 19.96 -26.91 25.07
CA ASN A 901 19.96 -25.54 24.60
C ASN A 901 20.74 -24.69 25.59
N LYS A 902 20.80 -23.37 25.36
CA LYS A 902 21.54 -22.46 26.25
C LYS A 902 20.65 -21.40 26.95
N ALA A 903 20.60 -21.46 28.28
CA ALA A 903 19.83 -20.50 29.06
C ALA A 903 20.69 -19.26 29.32
N VAL A 904 20.13 -18.08 29.09
CA VAL A 904 20.97 -16.90 29.13
C VAL A 904 20.34 -15.67 29.78
N THR A 905 21.02 -14.53 29.61
CA THR A 905 20.71 -13.31 30.32
C THR A 905 20.70 -12.08 29.39
N VAL A 906 19.52 -11.50 29.21
CA VAL A 906 19.35 -10.29 28.40
C VAL A 906 18.69 -9.21 29.24
N PRO A 907 19.33 -8.03 29.31
CA PRO A 907 18.81 -6.90 30.10
C PRO A 907 17.38 -6.59 29.69
N LYS A 908 16.53 -6.28 30.66
CA LYS A 908 15.10 -6.05 30.40
C LYS A 908 14.53 -4.89 31.22
N ASN A 909 14.83 -4.90 32.52
CA ASN A 909 14.43 -3.83 33.41
C ASN A 909 15.64 -3.24 34.10
N SER A 910 15.35 -2.53 35.17
CA SER A 910 16.40 -2.05 36.06
C SER A 910 16.37 -2.97 37.26
N LYS A 911 15.19 -3.46 37.61
CA LYS A 911 15.05 -4.33 38.78
C LYS A 911 15.14 -5.82 38.47
N THR A 912 15.34 -6.15 37.19
CA THR A 912 15.68 -7.51 36.80
C THR A 912 16.12 -7.62 35.35
N ASP A 913 17.06 -8.53 35.10
CA ASP A 913 17.39 -8.93 33.74
C ASP A 913 16.35 -9.94 33.27
N ARG A 914 16.60 -10.59 32.13
CA ARG A 914 15.60 -11.49 31.56
C ARG A 914 16.20 -12.83 31.13
N CYS A 915 15.44 -13.90 31.36
CA CYS A 915 15.86 -15.25 31.02
C CYS A 915 15.29 -15.68 29.66
N ILE A 916 16.14 -16.25 28.83
CA ILE A 916 15.73 -16.60 27.48
C ILE A 916 16.40 -17.91 27.02
N ALA A 917 16.16 -18.32 25.78
CA ALA A 917 16.68 -19.59 25.29
C ALA A 917 17.26 -19.55 23.87
N ILE A 918 18.54 -19.88 23.78
CA ILE A 918 19.25 -20.04 22.51
C ILE A 918 19.23 -21.53 22.12
N GLU A 919 18.30 -21.89 21.23
CA GLU A 919 18.04 -23.32 20.96
C GLU A 919 19.01 -23.92 19.97
N PRO A 920 19.06 -25.24 19.92
CA PRO A 920 19.63 -25.92 18.77
C PRO A 920 19.03 -25.40 17.47
N GLY A 921 19.87 -25.05 16.52
CA GLY A 921 19.44 -24.39 15.30
C GLY A 921 18.62 -25.20 14.31
N TRP A 922 18.66 -26.51 14.44
CA TRP A 922 17.81 -27.37 13.60
C TRP A 922 16.43 -27.58 14.21
N ASN A 923 16.38 -27.68 15.54
CA ASN A 923 15.13 -27.60 16.29
C ASN A 923 14.35 -26.35 15.89
N MET A 924 15.01 -25.21 15.93
CA MET A 924 14.33 -23.96 15.61
C MET A 924 13.81 -23.92 14.19
N PHE A 925 14.56 -24.47 13.24
CA PHE A 925 14.07 -24.55 11.88
C PHE A 925 12.67 -25.15 11.93
N PHE A 926 12.53 -26.18 12.76
CA PHE A 926 11.30 -26.93 12.83
C PHE A 926 10.38 -26.39 13.89
N GLN A 927 10.94 -25.74 14.91
CA GLN A 927 10.11 -25.14 15.94
C GLN A 927 9.29 -24.00 15.34
N LEU A 928 9.83 -23.40 14.27
CA LEU A 928 9.12 -22.35 13.57
C LEU A 928 8.27 -23.02 12.52
N GLY A 929 8.47 -24.31 12.32
CA GLY A 929 7.60 -25.03 11.42
C GLY A 929 6.19 -25.05 11.97
N ILE A 930 6.03 -25.57 13.18
CA ILE A 930 4.72 -25.67 13.79
C ILE A 930 4.37 -24.33 14.37
N GLY A 931 5.38 -23.51 14.63
CA GLY A 931 5.08 -22.16 15.02
C GLY A 931 4.08 -21.58 14.02
N GLY A 932 4.43 -21.67 12.74
CA GLY A 932 3.69 -21.02 11.68
C GLY A 932 2.38 -21.68 11.32
N ILE A 933 2.20 -22.91 11.77
CA ILE A 933 0.91 -23.56 11.57
C ILE A 933 -0.04 -23.32 12.75
N LEU A 934 0.48 -23.34 13.98
CA LEU A 934 -0.28 -22.80 15.12
C LEU A 934 -0.73 -21.35 14.81
N ARG A 935 -0.03 -20.72 13.88
CA ARG A 935 -0.39 -19.37 13.47
C ARG A 935 -1.62 -19.49 12.60
N ASP A 936 -1.46 -20.12 11.43
CA ASP A 936 -2.54 -20.27 10.44
C ASP A 936 -3.85 -20.73 11.04
N ARG A 937 -3.74 -21.57 12.06
CA ARG A 937 -4.92 -22.14 12.68
C ARG A 937 -5.57 -21.19 13.66
N LEU A 938 -4.78 -20.53 14.50
CA LEU A 938 -5.38 -19.69 15.53
C LEU A 938 -6.32 -18.61 14.96
N ARG A 939 -6.44 -18.58 13.63
CA ARG A 939 -7.30 -17.60 12.95
C ARG A 939 -8.78 -17.93 13.03
N CYS A 940 -9.12 -19.21 13.10
CA CYS A 940 -10.51 -19.62 13.23
C CYS A 940 -11.13 -19.19 14.56
N TRP A 941 -10.29 -18.83 15.52
CA TRP A 941 -10.76 -18.30 16.79
C TRP A 941 -10.66 -16.79 16.78
N GLY A 942 -10.49 -16.28 15.57
CA GLY A 942 -10.45 -14.84 15.34
C GLY A 942 -9.15 -14.21 15.78
N ILE A 943 -8.18 -15.05 16.14
CA ILE A 943 -6.87 -14.56 16.57
C ILE A 943 -5.92 -14.44 15.40
N ASP A 944 -5.40 -13.23 15.21
CA ASP A 944 -4.33 -12.97 14.25
C ASP A 944 -3.16 -12.48 15.07
N LEU A 945 -1.98 -13.01 14.79
CA LEU A 945 -0.81 -12.70 15.58
C LEU A 945 0.17 -11.80 14.82
N ASN A 946 -0.02 -11.72 13.50
CA ASN A 946 0.69 -10.73 12.71
C ASN A 946 0.16 -9.36 13.06
N ASP A 947 -1.02 -9.34 13.69
CA ASP A 947 -1.75 -8.10 13.92
C ASP A 947 -2.08 -7.77 15.39
N GLN A 948 -1.20 -7.01 16.05
CA GLN A 948 -1.46 -6.63 17.41
C GLN A 948 -2.26 -5.35 17.41
N THR A 949 -2.78 -4.99 16.24
CA THR A 949 -3.68 -3.84 16.12
C THR A 949 -5.11 -4.18 16.54
N ILE A 950 -5.58 -5.38 16.17
CA ILE A 950 -6.89 -5.86 16.58
C ILE A 950 -6.82 -6.37 18.02
N ASN A 951 -5.80 -5.94 18.75
CA ASN A 951 -5.74 -6.27 20.15
C ASN A 951 -5.53 -5.03 21.01
N GLN A 952 -5.02 -3.96 20.40
CA GLN A 952 -4.97 -2.67 21.08
C GLN A 952 -6.31 -1.96 20.92
N ARG A 953 -6.86 -2.02 19.72
CA ARG A 953 -8.19 -1.50 19.45
C ARG A 953 -9.11 -1.81 20.60
N ARG A 954 -9.39 -3.07 20.79
CA ARG A 954 -10.22 -3.46 21.91
C ARG A 954 -9.75 -2.92 23.28
N ALA A 955 -8.43 -2.86 23.52
CA ALA A 955 -7.94 -2.40 24.82
C ALA A 955 -8.61 -1.08 25.13
N HIS A 956 -8.88 -0.35 24.05
CA HIS A 956 -9.46 0.99 24.06
C HIS A 956 -10.97 0.99 24.19
N GLU A 957 -11.64 0.10 23.45
CA GLU A 957 -13.06 -0.18 23.67
C GLU A 957 -13.29 -0.48 25.15
N GLY A 958 -12.46 -1.33 25.74
CA GLY A 958 -12.59 -1.69 27.14
C GLY A 958 -12.46 -0.55 28.14
N SER A 959 -11.81 0.55 27.72
CA SER A 959 -11.49 1.65 28.62
C SER A 959 -12.65 2.65 28.66
N VAL A 960 -13.39 2.72 27.56
CA VAL A 960 -14.69 3.41 27.53
C VAL A 960 -15.80 2.44 28.01
N THR A 961 -15.91 1.30 27.33
CA THR A 961 -16.95 0.29 27.52
C THR A 961 -16.93 -0.44 28.86
N ASN A 962 -15.75 -0.83 29.34
CA ASN A 962 -15.67 -1.44 30.65
C ASN A 962 -16.18 -2.91 30.67
N ASN A 963 -16.32 -3.49 29.49
CA ASN A 963 -16.81 -4.87 29.31
C ASN A 963 -15.72 -5.92 29.02
N LEU A 964 -14.90 -5.66 28.01
CA LEU A 964 -13.70 -6.45 27.81
C LEU A 964 -12.70 -6.04 28.87
N ALA A 965 -11.98 -6.99 29.45
CA ALA A 965 -10.90 -6.63 30.33
C ALA A 965 -9.60 -7.00 29.64
N THR A 966 -8.49 -6.45 30.12
CA THR A 966 -7.17 -6.84 29.67
C THR A 966 -6.49 -7.58 30.81
N VAL A 967 -5.98 -8.76 30.50
CA VAL A 967 -5.20 -9.51 31.45
C VAL A 967 -3.73 -9.43 31.03
N ASP A 968 -2.85 -9.60 32.00
CA ASP A 968 -1.41 -9.57 31.77
C ASP A 968 -0.75 -10.69 32.54
N LEU A 969 0.11 -11.47 31.90
CA LEU A 969 0.69 -12.63 32.55
C LEU A 969 2.19 -12.59 32.86
N SER A 970 2.49 -12.72 34.15
CA SER A 970 3.87 -12.70 34.67
C SER A 970 4.72 -13.73 33.98
N ALA A 971 5.09 -14.76 34.75
CA ALA A 971 5.80 -15.91 34.21
C ALA A 971 4.98 -16.50 33.07
N ALA A 972 5.24 -15.99 31.86
CA ALA A 972 4.39 -16.27 30.71
C ALA A 972 4.82 -17.56 30.05
N SER A 973 5.71 -17.42 29.07
CA SER A 973 6.23 -18.55 28.33
C SER A 973 6.99 -19.51 29.25
N ASP A 974 7.31 -19.03 30.44
CA ASP A 974 8.17 -19.73 31.38
C ASP A 974 7.41 -20.42 32.51
N SER A 975 6.28 -21.04 32.19
CA SER A 975 5.47 -21.75 33.19
C SER A 975 4.45 -22.71 32.56
N ILE A 976 4.49 -22.81 31.24
CA ILE A 976 3.65 -23.76 30.51
C ILE A 976 4.14 -25.19 30.77
N SER A 977 3.62 -25.81 31.82
CA SER A 977 4.07 -27.15 32.24
C SER A 977 3.69 -28.25 31.24
N LEU A 978 4.63 -29.18 31.06
CA LEU A 978 4.41 -30.38 30.27
C LEU A 978 3.11 -31.07 30.66
N ALA A 979 2.80 -31.04 31.95
CA ALA A 979 1.53 -31.57 32.45
C ALA A 979 0.43 -30.97 31.59
N LEU A 980 0.15 -29.69 31.79
CA LEU A 980 -0.88 -28.97 31.04
C LEU A 980 -0.77 -29.20 29.55
N CYS A 981 0.44 -29.36 29.05
CA CYS A 981 0.61 -29.48 27.61
C CYS A 981 -0.09 -30.62 26.90
N GLU A 982 0.13 -31.86 27.37
CA GLU A 982 -0.52 -33.03 26.76
C GLU A 982 -2.01 -33.16 27.09
N LEU A 983 -2.38 -32.66 28.27
CA LEU A 983 -3.76 -32.67 28.71
C LEU A 983 -4.63 -31.98 27.65
N LEU A 984 -4.05 -31.02 26.93
CA LEU A 984 -4.80 -30.21 25.98
C LEU A 984 -4.55 -30.54 24.50
N LEU A 985 -3.48 -31.28 24.23
CA LEU A 985 -3.03 -31.43 22.85
C LEU A 985 -3.34 -32.79 22.25
N PRO A 986 -3.80 -32.80 20.99
CA PRO A 986 -3.81 -34.04 20.23
C PRO A 986 -2.44 -34.62 20.48
N PRO A 987 -2.30 -35.94 20.66
CA PRO A 987 -0.99 -36.41 21.08
C PRO A 987 -0.11 -36.48 19.84
N GLY A 988 -0.71 -36.75 18.68
CA GLY A 988 -0.01 -36.61 17.42
C GLY A 988 0.82 -35.33 17.42
N TRP A 989 0.21 -34.26 17.92
CA TRP A 989 0.90 -33.02 18.17
C TRP A 989 1.79 -33.18 19.36
N PHE A 990 1.21 -33.29 20.55
CA PHE A 990 2.01 -33.26 21.76
C PHE A 990 3.27 -34.08 21.66
N GLU A 991 3.32 -34.99 20.69
CA GLU A 991 4.56 -35.68 20.41
C GLU A 991 5.52 -34.79 19.59
N VAL A 992 5.18 -34.55 18.31
CA VAL A 992 6.02 -33.73 17.43
C VAL A 992 6.37 -32.46 18.14
N LEU A 993 5.87 -32.32 19.34
CA LEU A 993 6.19 -31.19 20.17
C LEU A 993 7.28 -31.62 21.13
N MET A 994 7.07 -32.73 21.83
CA MET A 994 8.10 -33.23 22.70
C MET A 994 9.36 -33.58 21.92
N ASP A 995 9.20 -33.81 20.62
CA ASP A 995 10.34 -34.04 19.72
C ASP A 995 11.22 -32.79 19.59
N LEU A 996 10.65 -31.75 18.94
CA LEU A 996 11.35 -30.50 18.63
C LEU A 996 11.76 -29.71 19.85
N ARG A 997 11.03 -29.91 20.94
CA ARG A 997 11.38 -29.31 22.22
C ARG A 997 12.85 -29.55 22.62
N SER A 998 13.41 -28.59 23.35
CA SER A 998 14.67 -28.82 24.06
C SER A 998 14.39 -29.19 25.51
N PRO A 999 14.85 -30.39 25.91
CA PRO A 999 14.61 -31.17 27.14
C PRO A 999 15.48 -30.81 28.35
N LYS A 1000 16.77 -30.71 28.13
CA LYS A 1000 17.70 -30.22 29.14
C LYS A 1000 18.21 -28.87 28.66
N GLY A 1001 18.89 -28.15 29.54
CA GLY A 1001 19.47 -26.88 29.18
C GLY A 1001 20.81 -26.65 29.86
N ARG A 1002 21.66 -25.86 29.21
CA ARG A 1002 22.97 -25.50 29.74
C ARG A 1002 23.01 -24.05 30.21
N LEU A 1003 23.30 -23.87 31.48
CA LEU A 1003 23.37 -22.54 32.06
C LEU A 1003 24.64 -21.79 31.67
N PRO A 1004 24.74 -20.51 32.05
CA PRO A 1004 26.07 -19.92 32.10
C PRO A 1004 26.88 -20.61 33.20
N ASP A 1005 26.25 -20.77 34.37
CA ASP A 1005 26.91 -21.27 35.57
C ASP A 1005 27.57 -22.63 35.43
N GLY A 1006 27.59 -23.17 34.22
CA GLY A 1006 28.16 -24.48 33.95
C GLY A 1006 27.23 -25.63 34.28
N SER A 1007 26.27 -25.35 35.17
CA SER A 1007 25.34 -26.36 35.65
C SER A 1007 24.21 -26.60 34.66
N VAL A 1008 23.44 -27.65 34.95
CA VAL A 1008 22.36 -28.14 34.09
C VAL A 1008 20.97 -27.99 34.71
N VAL A 1009 19.96 -27.89 33.86
CA VAL A 1009 18.60 -28.17 34.29
C VAL A 1009 17.87 -28.94 33.19
N THR A 1010 17.04 -29.88 33.61
CA THR A 1010 16.17 -30.61 32.70
C THR A 1010 14.76 -30.02 32.87
N TYR A 1011 14.06 -29.82 31.77
CA TYR A 1011 12.93 -28.90 31.79
C TYR A 1011 11.62 -29.41 32.37
N GLU A 1012 11.07 -28.60 33.27
CA GLU A 1012 9.69 -28.72 33.77
C GLU A 1012 8.74 -27.98 32.84
N LYS A 1013 9.18 -26.86 32.27
CA LYS A 1013 8.36 -26.20 31.27
C LYS A 1013 8.53 -26.89 29.94
N ILE A 1014 7.55 -26.77 29.08
CA ILE A 1014 7.56 -27.43 27.78
C ILE A 1014 8.33 -26.58 26.79
N SER A 1015 8.76 -25.42 27.27
CA SER A 1015 9.36 -24.43 26.40
C SER A 1015 9.59 -23.16 27.18
N SER A 1016 10.56 -22.39 26.69
CA SER A 1016 10.92 -21.13 27.30
C SER A 1016 10.90 -20.16 26.16
N MET A 1017 10.71 -18.89 26.47
CA MET A 1017 10.58 -17.90 25.42
C MET A 1017 11.83 -17.99 24.55
N GLY A 1018 11.65 -17.92 23.24
CA GLY A 1018 12.77 -18.07 22.33
C GLY A 1018 12.78 -19.43 21.67
N ASN A 1019 11.78 -20.24 21.99
CA ASN A 1019 11.61 -21.50 21.29
C ASN A 1019 10.72 -21.35 20.06
N GLY A 1020 11.17 -21.87 18.92
CA GLY A 1020 10.58 -21.56 17.64
C GLY A 1020 9.07 -21.64 17.52
N TYR A 1021 8.40 -22.02 18.60
CA TYR A 1021 6.94 -22.08 18.60
C TYR A 1021 6.32 -21.68 19.94
N THR A 1022 7.14 -21.46 20.96
CA THR A 1022 6.66 -21.25 22.33
C THR A 1022 5.68 -20.08 22.46
N PHE A 1023 5.40 -19.44 21.33
CA PHE A 1023 4.54 -18.27 21.26
C PHE A 1023 3.14 -18.66 20.82
N GLU A 1024 3.04 -19.10 19.56
CA GLU A 1024 1.80 -19.59 18.97
C GLU A 1024 1.16 -20.69 19.81
N LEU A 1025 1.95 -21.27 20.70
CA LEU A 1025 1.44 -22.24 21.64
C LEU A 1025 0.76 -21.54 22.80
N GLU A 1026 1.55 -20.93 23.67
CA GLU A 1026 0.98 -20.16 24.78
C GLU A 1026 -0.24 -19.30 24.37
N SER A 1027 -0.28 -18.82 23.14
CA SER A 1027 -1.46 -18.09 22.66
C SER A 1027 -2.67 -19.02 22.64
N LEU A 1028 -2.67 -19.95 21.69
CA LEU A 1028 -3.64 -21.03 21.63
C LEU A 1028 -3.97 -21.66 22.99
N ILE A 1029 -2.99 -21.90 23.84
CA ILE A 1029 -3.24 -22.48 25.16
C ILE A 1029 -4.04 -21.58 26.09
N PHE A 1030 -3.84 -20.28 25.97
CA PHE A 1030 -4.56 -19.31 26.78
C PHE A 1030 -5.92 -18.97 26.18
N ALA A 1031 -5.96 -18.89 24.86
CA ALA A 1031 -7.20 -18.67 24.10
C ALA A 1031 -8.26 -19.75 24.32
N SER A 1032 -7.90 -20.98 24.03
CA SER A 1032 -8.74 -22.11 24.35
C SER A 1032 -9.17 -22.00 25.79
N LEU A 1033 -8.21 -22.01 26.72
CA LEU A 1033 -8.53 -21.89 28.15
C LEU A 1033 -9.55 -20.83 28.49
N ALA A 1034 -9.43 -19.65 27.87
CA ALA A 1034 -10.41 -18.59 28.09
C ALA A 1034 -11.71 -18.92 27.38
N ARG A 1035 -11.64 -19.14 26.08
CA ARG A 1035 -12.79 -19.57 25.31
C ARG A 1035 -13.62 -20.67 26.00
N SER A 1036 -13.02 -21.37 26.96
CA SER A 1036 -13.75 -22.42 27.67
C SER A 1036 -14.31 -21.82 28.94
N VAL A 1037 -13.59 -20.90 29.55
CA VAL A 1037 -14.17 -20.15 30.65
C VAL A 1037 -15.43 -19.49 30.10
N CYS A 1038 -15.27 -18.80 28.98
CA CYS A 1038 -16.39 -18.19 28.26
C CYS A 1038 -17.66 -19.06 28.22
N GLU A 1039 -17.52 -20.29 27.74
CA GLU A 1039 -18.68 -21.15 27.62
C GLU A 1039 -19.29 -21.44 28.97
N ILE A 1040 -18.45 -21.75 29.96
CA ILE A 1040 -18.91 -22.04 31.31
C ILE A 1040 -19.78 -20.94 31.90
N LEU A 1041 -19.75 -19.76 31.28
CA LEU A 1041 -20.45 -18.60 31.83
C LEU A 1041 -21.48 -17.96 30.88
N ASP A 1042 -21.71 -18.59 29.74
CA ASP A 1042 -22.70 -18.12 28.77
C ASP A 1042 -22.28 -16.82 28.10
N LEU A 1043 -20.97 -16.56 28.06
CA LEU A 1043 -20.42 -15.39 27.38
C LEU A 1043 -19.97 -15.77 25.99
N ASP A 1044 -19.80 -14.78 25.13
CA ASP A 1044 -19.45 -15.10 23.75
C ASP A 1044 -18.00 -15.58 23.64
N SER A 1045 -17.80 -16.79 23.13
CA SER A 1045 -16.44 -17.25 22.90
C SER A 1045 -15.78 -16.28 21.93
N SER A 1046 -16.60 -15.67 21.09
CA SER A 1046 -16.16 -14.73 20.06
C SER A 1046 -15.42 -13.48 20.62
N GLU A 1047 -15.59 -13.25 21.93
CA GLU A 1047 -15.06 -12.05 22.59
C GLU A 1047 -13.64 -12.18 23.10
N VAL A 1048 -13.13 -13.41 23.12
CA VAL A 1048 -11.75 -13.66 23.55
C VAL A 1048 -10.84 -13.46 22.34
N THR A 1049 -10.00 -12.44 22.43
CA THR A 1049 -8.97 -12.25 21.43
C THR A 1049 -7.63 -12.14 22.14
N VAL A 1050 -6.59 -12.70 21.52
CA VAL A 1050 -5.29 -12.88 22.18
C VAL A 1050 -4.06 -12.63 21.30
N TYR A 1051 -2.90 -12.50 21.96
CA TYR A 1051 -1.60 -12.29 21.34
C TYR A 1051 -0.54 -12.34 22.42
N GLY A 1052 0.12 -13.48 22.56
CA GLY A 1052 1.11 -13.62 23.61
C GLY A 1052 0.44 -13.80 24.95
N ASP A 1053 1.03 -13.30 26.03
CA ASP A 1053 0.36 -13.38 27.32
C ASP A 1053 -0.42 -12.11 27.48
N ASP A 1054 -0.79 -11.55 26.34
CA ASP A 1054 -1.68 -10.43 26.30
C ASP A 1054 -3.01 -10.96 25.84
N ILE A 1055 -3.91 -11.18 26.79
CA ILE A 1055 -5.22 -11.71 26.49
C ILE A 1055 -6.28 -10.64 26.70
N ILE A 1056 -7.31 -10.65 25.85
CA ILE A 1056 -8.51 -9.84 26.06
C ILE A 1056 -9.75 -10.73 25.99
N LEU A 1057 -10.48 -10.80 27.11
CA LEU A 1057 -11.73 -11.55 27.22
C LEU A 1057 -12.67 -10.77 28.14
N PRO A 1058 -14.00 -10.84 27.88
CA PRO A 1058 -15.06 -10.15 28.63
C PRO A 1058 -14.93 -10.18 30.18
N SER A 1059 -15.25 -9.04 30.80
CA SER A 1059 -14.82 -8.74 32.17
C SER A 1059 -15.33 -9.68 33.26
N CYS A 1060 -16.47 -10.31 32.99
CA CYS A 1060 -17.04 -11.23 33.95
C CYS A 1060 -16.23 -12.53 33.90
N ALA A 1061 -15.78 -12.87 32.70
CA ALA A 1061 -15.05 -14.11 32.51
C ALA A 1061 -13.79 -14.11 33.37
N VAL A 1062 -13.35 -12.91 33.75
CA VAL A 1062 -12.04 -12.76 34.40
C VAL A 1062 -11.86 -13.52 35.75
N PRO A 1063 -12.84 -13.41 36.69
CA PRO A 1063 -12.56 -14.04 37.99
C PRO A 1063 -12.37 -15.57 37.91
N ALA A 1064 -13.01 -16.24 36.95
CA ALA A 1064 -12.79 -17.68 36.72
C ALA A 1064 -11.40 -17.91 36.10
N LEU A 1065 -11.14 -17.32 34.94
CA LEU A 1065 -9.83 -17.37 34.32
C LEU A 1065 -8.76 -17.19 35.37
N ARG A 1066 -9.08 -16.56 36.47
CA ARG A 1066 -8.15 -16.50 37.59
C ARG A 1066 -8.01 -17.85 38.30
N GLU A 1067 -9.13 -18.39 38.80
CA GLU A 1067 -9.11 -19.73 39.41
C GLU A 1067 -8.65 -20.81 38.42
N VAL A 1068 -9.06 -20.67 37.15
CA VAL A 1068 -8.67 -21.61 36.08
C VAL A 1068 -7.19 -21.53 35.79
N PHE A 1069 -6.62 -20.33 35.84
CA PHE A 1069 -5.18 -20.16 35.64
C PHE A 1069 -4.42 -20.53 36.89
N LYS A 1070 -4.81 -20.00 38.04
CA LYS A 1070 -4.28 -20.51 39.30
C LYS A 1070 -4.04 -22.03 39.29
N TYR A 1071 -5.02 -22.78 38.76
CA TYR A 1071 -5.00 -24.26 38.77
C TYR A 1071 -3.99 -24.88 37.81
N VAL A 1072 -4.09 -24.53 36.53
CA VAL A 1072 -3.25 -25.14 35.50
C VAL A 1072 -1.78 -24.76 35.66
N GLY A 1073 -1.52 -23.73 36.47
CA GLY A 1073 -0.16 -23.32 36.73
C GLY A 1073 0.03 -21.81 36.83
N PHE A 1074 -0.21 -21.10 35.73
CA PHE A 1074 0.14 -19.69 35.63
C PHE A 1074 -0.17 -18.88 36.88
N THR A 1075 0.75 -17.97 37.21
CA THR A 1075 0.59 -17.05 38.33
C THR A 1075 0.31 -15.64 37.76
N THR A 1076 -0.93 -15.19 37.95
CA THR A 1076 -1.48 -14.03 37.23
C THR A 1076 -1.12 -12.68 37.86
N ASN A 1077 -1.01 -11.65 37.02
CA ASN A 1077 -0.67 -10.30 37.51
C ASN A 1077 -1.86 -9.42 37.90
N THR A 1078 -2.25 -9.52 39.17
CA THR A 1078 -3.40 -8.79 39.69
C THR A 1078 -3.25 -7.28 39.47
N LYS A 1079 -2.00 -6.83 39.47
CA LYS A 1079 -1.69 -5.41 39.39
C LYS A 1079 -1.88 -4.89 37.99
N LYS A 1080 -1.52 -5.67 36.98
CA LYS A 1080 -1.55 -5.17 35.60
C LYS A 1080 -2.68 -5.79 34.76
N THR A 1081 -3.55 -6.55 35.41
CA THR A 1081 -4.80 -7.02 34.80
C THR A 1081 -5.96 -6.14 35.27
N PHE A 1082 -6.58 -5.45 34.32
CA PHE A 1082 -7.65 -4.51 34.64
C PHE A 1082 -8.94 -5.04 34.10
N SER A 1083 -9.86 -5.34 34.99
CA SER A 1083 -11.18 -5.79 34.58
C SER A 1083 -12.23 -4.74 34.90
N GLU A 1084 -11.81 -3.53 35.23
CA GLU A 1084 -12.73 -2.55 35.77
C GLU A 1084 -12.21 -1.12 35.90
N GLY A 1085 -10.95 -0.87 35.57
CA GLY A 1085 -10.47 0.50 35.69
C GLY A 1085 -11.22 1.49 34.79
N PRO A 1086 -10.85 2.77 34.85
CA PRO A 1086 -11.14 3.59 33.68
C PRO A 1086 -10.16 3.21 32.58
N PHE A 1087 -9.37 2.17 32.88
CA PHE A 1087 -8.13 1.90 32.20
C PHE A 1087 -7.94 0.45 31.73
N ARG A 1088 -7.60 0.28 30.45
CA ARG A 1088 -7.07 -0.96 29.87
C ARG A 1088 -5.69 -0.73 29.23
N GLU A 1089 -4.83 -1.76 29.26
CA GLU A 1089 -3.58 -1.77 28.49
C GLU A 1089 -3.52 -3.03 27.66
N SER A 1090 -3.15 -2.90 26.39
CA SER A 1090 -2.95 -4.09 25.57
C SER A 1090 -2.14 -3.80 24.32
N CYS A 1091 -1.04 -4.56 24.21
CA CYS A 1091 -0.15 -4.53 23.05
C CYS A 1091 0.47 -3.15 22.83
N GLY A 1092 0.96 -2.56 23.93
CA GLY A 1092 1.77 -1.37 23.86
C GLY A 1092 1.01 -0.05 23.80
N LYS A 1093 -0.25 -0.14 23.41
CA LYS A 1093 -1.16 0.98 23.57
C LYS A 1093 -1.73 0.81 24.96
N HIS A 1094 -1.77 1.88 25.73
CA HIS A 1094 -2.56 1.91 26.97
C HIS A 1094 -3.74 2.85 26.76
N TYR A 1095 -4.74 2.80 27.62
CA TYR A 1095 -5.84 3.68 27.36
C TYR A 1095 -6.54 4.14 28.61
N TYR A 1096 -6.92 5.42 28.59
CA TYR A 1096 -7.74 6.07 29.64
C TYR A 1096 -9.06 6.62 29.10
N SER A 1097 -10.14 5.97 29.50
CA SER A 1097 -11.47 6.36 29.11
C SER A 1097 -11.52 6.73 27.63
N GLY A 1098 -10.73 6.04 26.82
CA GLY A 1098 -10.87 6.17 25.38
C GLY A 1098 -9.86 7.07 24.72
N VAL A 1099 -9.05 7.78 25.51
CA VAL A 1099 -7.90 8.52 24.98
C VAL A 1099 -6.64 7.69 25.14
N ASP A 1100 -5.60 8.03 24.39
CA ASP A 1100 -4.36 7.27 24.47
C ASP A 1100 -3.52 7.77 25.64
N VAL A 1101 -3.13 6.90 26.56
CA VAL A 1101 -2.28 7.37 27.64
C VAL A 1101 -0.99 6.57 27.71
N THR A 1102 -0.59 6.04 26.56
CA THR A 1102 0.68 5.34 26.49
C THR A 1102 1.76 6.35 26.84
N PRO A 1103 2.80 5.89 27.55
CA PRO A 1103 3.97 6.72 27.75
C PRO A 1103 4.97 6.41 26.65
N PHE A 1104 6.22 6.80 26.92
CA PHE A 1104 7.41 6.39 26.18
C PHE A 1104 8.44 6.15 27.27
N TYR A 1105 9.49 5.38 26.97
CA TYR A 1105 10.42 4.97 28.01
C TYR A 1105 11.84 5.43 27.74
N ILE A 1106 12.54 5.78 28.80
CA ILE A 1106 13.94 6.13 28.68
C ILE A 1106 14.77 4.90 29.01
N ARG A 1107 15.14 4.15 27.98
CA ARG A 1107 15.69 2.83 28.22
C ARG A 1107 17.15 2.84 28.61
N HIS A 1108 17.94 3.66 27.91
CA HIS A 1108 19.40 3.67 28.10
C HIS A 1108 19.94 5.00 28.61
N ARG A 1109 21.13 4.96 29.24
CA ARG A 1109 21.80 6.18 29.67
C ARG A 1109 22.12 6.98 28.44
N ILE A 1110 21.62 8.20 28.39
CA ILE A 1110 21.70 8.93 27.16
C ILE A 1110 22.96 9.79 27.05
N VAL A 1111 23.74 9.51 26.01
CA VAL A 1111 25.08 10.04 25.85
C VAL A 1111 25.41 10.36 24.41
N SER A 1112 24.71 9.76 23.45
CA SER A 1112 24.94 10.12 22.06
C SER A 1112 23.91 11.13 21.58
N PRO A 1113 24.24 11.88 20.51
CA PRO A 1113 23.24 12.74 19.84
C PRO A 1113 22.11 11.92 19.17
N ALA A 1114 22.45 10.79 18.58
CA ALA A 1114 21.40 9.88 18.14
C ALA A 1114 20.48 9.54 19.34
N ASP A 1115 21.07 9.40 20.52
CA ASP A 1115 20.34 9.11 21.76
C ASP A 1115 19.37 10.21 22.15
N LEU A 1116 19.85 11.44 22.24
CA LEU A 1116 18.96 12.54 22.61
C LEU A 1116 17.94 12.72 21.51
N ILE A 1117 18.43 12.88 20.27
CA ILE A 1117 17.53 13.05 19.14
C ILE A 1117 16.32 12.13 19.23
N LEU A 1118 16.52 10.93 19.76
CA LEU A 1118 15.39 10.02 20.03
C LEU A 1118 14.51 10.61 21.12
N VAL A 1119 14.91 10.49 22.37
CA VAL A 1119 14.10 10.96 23.49
C VAL A 1119 13.26 12.19 23.10
N LEU A 1120 13.93 13.26 22.66
CA LEU A 1120 13.23 14.46 22.22
C LEU A 1120 12.12 14.15 21.22
N ASN A 1121 12.34 13.19 20.34
CA ASN A 1121 11.31 12.81 19.39
C ASN A 1121 10.10 12.10 20.01
N ASN A 1122 10.34 11.23 20.98
CA ASN A 1122 9.28 10.47 21.62
C ASN A 1122 8.55 11.36 22.59
N LEU A 1123 9.24 12.38 23.07
CA LEU A 1123 8.56 13.44 23.78
C LEU A 1123 7.75 14.29 22.80
N TYR A 1124 8.18 14.28 21.55
CA TYR A 1124 7.45 15.02 20.52
C TYR A 1124 6.15 14.34 20.22
N ARG A 1125 6.22 13.05 19.97
CA ARG A 1125 5.02 12.27 19.64
C ARG A 1125 4.06 12.19 20.82
N TRP A 1126 4.60 12.01 22.04
CA TRP A 1126 3.80 11.92 23.26
C TRP A 1126 3.01 13.16 23.63
N ALA A 1127 3.32 14.32 23.03
CA ALA A 1127 2.70 15.59 23.46
C ALA A 1127 2.22 16.51 22.32
N THR A 1128 2.32 16.03 21.10
CA THR A 1128 1.74 16.71 19.96
C THR A 1128 0.32 16.23 19.72
N ILE A 1129 -0.54 17.13 19.25
CA ILE A 1129 -1.81 16.73 18.66
C ILE A 1129 -1.81 17.18 17.19
N ASP A 1130 -0.99 16.49 16.40
CA ASP A 1130 -0.79 16.82 14.99
C ASP A 1130 0.06 18.09 14.85
N GLY A 1131 1.38 17.94 15.06
CA GLY A 1131 2.32 19.02 14.86
C GLY A 1131 2.27 20.18 15.87
N VAL A 1132 1.29 20.15 16.76
CA VAL A 1132 1.03 21.25 17.67
C VAL A 1132 1.35 20.92 19.12
N TRP A 1133 2.29 21.65 19.70
CA TRP A 1133 2.78 21.29 21.03
C TRP A 1133 1.77 21.51 22.14
N ASP A 1134 1.93 20.78 23.22
CA ASP A 1134 1.36 21.20 24.49
C ASP A 1134 2.47 22.02 25.12
N PRO A 1135 2.16 23.27 25.44
CA PRO A 1135 3.14 24.11 26.12
C PRO A 1135 3.91 23.43 27.26
N ARG A 1136 3.22 22.88 28.26
CA ARG A 1136 3.90 22.35 29.43
C ARG A 1136 5.19 21.59 29.08
N ALA A 1137 5.16 20.92 27.93
CA ALA A 1137 6.28 20.09 27.53
C ALA A 1137 7.09 20.81 26.49
N HIS A 1138 6.44 21.51 25.56
CA HIS A 1138 7.22 22.23 24.56
C HIS A 1138 8.30 23.10 25.20
N SER A 1139 8.17 23.35 26.50
CA SER A 1139 9.21 24.03 27.26
C SER A 1139 10.42 23.10 27.52
N VAL A 1140 10.18 21.95 28.14
CA VAL A 1140 11.25 21.01 28.47
C VAL A 1140 11.91 20.47 27.21
N TYR A 1141 11.13 20.23 26.17
CA TYR A 1141 11.71 19.87 24.89
C TYR A 1141 12.73 20.86 24.41
N LEU A 1142 12.27 22.09 24.17
CA LEU A 1142 13.13 23.17 23.67
C LEU A 1142 14.47 23.27 24.39
N LYS A 1143 14.38 23.37 25.72
CA LYS A 1143 15.52 23.48 26.62
C LYS A 1143 16.54 22.43 26.32
N TYR A 1144 16.15 21.18 26.50
CA TYR A 1144 17.06 20.09 26.28
C TYR A 1144 17.45 19.91 24.82
N ARG A 1145 16.73 20.50 23.87
CA ARG A 1145 17.16 20.41 22.47
C ARG A 1145 18.45 21.16 22.25
N LYS A 1146 18.83 21.97 23.24
CA LYS A 1146 19.99 22.84 23.12
C LYS A 1146 21.24 22.19 23.64
N LEU A 1147 21.14 20.93 24.03
CA LEU A 1147 22.30 20.15 24.42
C LEU A 1147 23.00 19.63 23.18
N LEU A 1148 22.25 19.56 22.09
CA LEU A 1148 22.76 19.11 20.81
C LEU A 1148 23.83 20.01 20.22
N PRO A 1149 24.72 19.39 19.43
CA PRO A 1149 25.49 20.15 18.46
C PRO A 1149 24.55 21.03 17.66
N LYS A 1150 24.99 22.25 17.39
CA LYS A 1150 24.09 23.19 16.75
C LYS A 1150 23.43 22.62 15.48
N GLN A 1151 24.18 22.31 14.43
CA GLN A 1151 23.59 21.92 13.15
C GLN A 1151 22.45 20.96 13.36
N LEU A 1152 22.47 20.29 14.51
CA LEU A 1152 21.55 19.19 14.78
C LEU A 1152 20.21 19.59 15.39
N GLN A 1153 20.11 20.84 15.80
CA GLN A 1153 18.88 21.37 16.35
C GLN A 1153 18.00 21.91 15.24
N ARG A 1154 18.61 22.19 14.08
CA ARG A 1154 17.85 22.67 12.94
C ARG A 1154 17.62 21.62 11.88
N ASN A 1155 18.32 20.49 11.98
CA ASN A 1155 18.10 19.36 11.09
C ASN A 1155 16.90 18.53 11.52
N THR A 1156 15.81 18.64 10.77
CA THR A 1156 14.53 18.04 11.13
C THR A 1156 13.85 17.32 9.97
N ILE A 1157 13.17 16.25 10.34
CA ILE A 1157 12.49 15.35 9.41
C ILE A 1157 11.01 15.29 9.81
N PRO A 1158 10.14 14.92 8.86
CA PRO A 1158 8.72 14.66 9.13
C PRO A 1158 8.58 13.67 10.29
N ASP A 1159 7.46 12.96 10.38
CA ASP A 1159 7.36 11.91 11.39
C ASP A 1159 7.33 10.57 10.71
N GLY A 1160 7.83 9.57 11.44
CA GLY A 1160 7.93 8.21 10.93
C GLY A 1160 8.84 8.19 9.73
N TYR A 1161 10.02 8.79 9.90
CA TYR A 1161 11.02 8.69 8.86
C TYR A 1161 12.35 8.36 9.51
N GLY A 1162 12.32 8.20 10.82
CA GLY A 1162 13.51 7.77 11.52
C GLY A 1162 13.50 8.27 12.92
N ASP A 1163 14.70 8.30 13.50
CA ASP A 1163 15.01 8.97 14.74
C ASP A 1163 16.45 9.40 14.59
N GLY A 1164 16.90 9.47 13.33
CA GLY A 1164 18.23 9.94 13.00
C GLY A 1164 18.24 11.44 12.78
N ALA A 1165 17.22 12.09 13.33
CA ALA A 1165 17.02 13.52 13.18
C ALA A 1165 15.83 13.90 14.07
N LEU A 1166 15.65 15.20 14.33
CA LEU A 1166 14.56 15.69 15.16
C LEU A 1166 13.30 15.80 14.33
N VAL A 1167 12.19 15.32 14.88
CA VAL A 1167 10.93 15.42 14.17
C VAL A 1167 10.46 16.85 14.30
N GLY A 1168 10.05 17.38 13.15
CA GLY A 1168 9.72 18.78 12.96
C GLY A 1168 9.37 18.96 11.49
N SER A 1169 9.40 20.20 11.02
CA SER A 1169 9.11 20.50 9.62
C SER A 1169 10.36 20.38 8.74
N VAL A 1170 10.22 19.79 7.55
CA VAL A 1170 11.38 19.56 6.68
C VAL A 1170 11.64 20.70 5.69
N LEU A 1171 10.72 21.65 5.61
CA LEU A 1171 10.83 22.83 4.73
C LEU A 1171 11.68 23.90 5.40
N ILE A 1172 11.70 23.83 6.72
CA ILE A 1172 12.56 24.63 7.59
C ILE A 1172 13.99 24.04 7.73
N ASN A 1173 14.23 22.90 7.11
CA ASN A 1173 15.55 22.30 7.15
C ASN A 1173 16.44 23.07 6.21
N PRO A 1174 17.51 23.67 6.76
CA PRO A 1174 18.59 24.37 6.06
C PRO A 1174 19.51 23.43 5.29
N PHE A 1175 19.69 22.19 5.78
CA PHE A 1175 20.54 21.20 5.13
C PHE A 1175 19.80 20.48 3.99
N ALA A 1176 18.48 20.38 4.13
CA ALA A 1176 17.65 19.70 3.16
C ALA A 1176 17.73 20.34 1.77
N LYS A 1177 18.49 19.69 0.88
CA LYS A 1177 18.57 20.12 -0.51
C LYS A 1177 17.62 19.38 -1.43
N ASN A 1178 16.73 20.12 -2.09
CA ASN A 1178 15.88 19.55 -3.12
C ASN A 1178 16.67 19.26 -4.40
N ARG A 1179 17.07 18.01 -4.58
CA ARG A 1179 17.63 17.53 -5.83
C ARG A 1179 16.51 17.07 -6.74
N GLY A 1180 16.71 17.23 -8.05
CA GLY A 1180 15.83 16.65 -9.07
C GLY A 1180 14.33 16.61 -8.78
N TRP A 1181 13.86 17.52 -7.96
CA TRP A 1181 12.45 17.62 -7.62
C TRP A 1181 12.08 16.76 -6.44
N ILE A 1182 13.05 15.99 -5.97
CA ILE A 1182 12.85 15.17 -4.80
C ILE A 1182 13.71 15.66 -3.65
N ARG A 1183 13.07 15.94 -2.52
CA ARG A 1183 13.73 16.59 -1.40
C ARG A 1183 14.50 15.61 -0.52
N TYR A 1184 15.81 15.51 -0.77
CA TYR A 1184 16.68 14.63 0.02
C TYR A 1184 17.14 15.28 1.32
N VAL A 1185 16.78 14.70 2.44
CA VAL A 1185 17.18 15.23 3.74
C VAL A 1185 18.22 14.27 4.31
N PRO A 1186 19.02 14.72 5.31
CA PRO A 1186 20.08 13.87 5.88
C PRO A 1186 19.81 13.39 7.31
N VAL A 1187 20.07 12.11 7.56
CA VAL A 1187 19.83 11.55 8.89
C VAL A 1187 21.00 10.74 9.39
N ILE A 1188 21.08 10.57 10.70
CA ILE A 1188 22.04 9.67 11.34
C ILE A 1188 21.75 8.17 11.10
N THR A 1189 22.68 7.49 10.43
CA THR A 1189 22.63 6.04 10.28
C THR A 1189 23.49 5.51 11.42
N ASP A 1190 23.44 4.20 11.64
CA ASP A 1190 24.46 3.55 12.47
C ASP A 1190 25.55 3.10 11.53
N HIS A 1191 26.79 3.19 11.96
CA HIS A 1191 27.90 2.93 11.05
C HIS A 1191 28.19 1.45 11.01
N THR A 1192 28.42 0.92 9.80
CA THR A 1192 28.63 -0.52 9.64
C THR A 1192 29.70 -0.89 8.60
N ARG A 1193 30.76 -1.58 9.04
CA ARG A 1193 31.74 -2.14 8.12
C ARG A 1193 31.16 -3.39 7.45
N ASP A 1194 31.41 -3.54 6.15
CA ASP A 1194 30.96 -4.71 5.39
C ASP A 1194 31.68 -6.02 5.82
N ARG A 1195 30.93 -7.12 5.90
CA ARG A 1195 31.51 -8.43 6.17
C ARG A 1195 31.19 -9.39 5.05
N GLU A 1196 31.85 -10.54 5.03
CA GLU A 1196 31.69 -11.50 3.94
C GLU A 1196 30.68 -12.59 4.27
N ARG A 1197 29.73 -12.81 3.36
CA ARG A 1197 28.66 -13.79 3.57
C ARG A 1197 29.19 -15.13 3.08
N ALA A 1198 28.60 -16.20 3.59
CA ALA A 1198 28.95 -17.53 3.07
C ALA A 1198 28.24 -17.69 1.74
N GLU A 1199 29.00 -17.67 0.66
CA GLU A 1199 28.41 -17.71 -0.68
C GLU A 1199 27.48 -18.91 -0.84
N LEU A 1200 27.67 -19.94 -0.01
CA LEU A 1200 26.88 -21.16 -0.12
C LEU A 1200 25.64 -21.14 0.78
N GLY A 1201 25.84 -20.94 2.08
CA GLY A 1201 24.73 -20.81 3.01
C GLY A 1201 23.87 -19.61 2.68
N SER A 1202 24.46 -18.62 2.02
CA SER A 1202 23.72 -17.47 1.53
C SER A 1202 22.99 -17.89 0.29
N TYR A 1203 23.54 -18.87 -0.40
CA TYR A 1203 22.94 -19.39 -1.62
C TYR A 1203 21.83 -20.37 -1.30
N LEU A 1204 22.07 -21.22 -0.31
CA LEU A 1204 21.06 -22.19 0.12
C LEU A 1204 19.86 -21.45 0.67
N TYR A 1205 20.14 -20.36 1.38
CA TYR A 1205 19.13 -19.49 1.94
C TYR A 1205 18.24 -18.93 0.84
N ASP A 1206 18.86 -18.43 -0.22
CA ASP A 1206 18.14 -17.87 -1.36
C ASP A 1206 17.24 -18.90 -2.06
N LEU A 1207 17.71 -20.14 -2.18
CA LEU A 1207 16.94 -21.14 -2.91
C LEU A 1207 15.91 -21.90 -2.07
N PHE A 1208 16.18 -22.08 -0.78
CA PHE A 1208 15.17 -22.60 0.14
C PHE A 1208 13.96 -21.68 0.11
N SER A 1209 14.23 -20.40 -0.11
CA SER A 1209 13.22 -19.36 -0.13
C SER A 1209 12.35 -19.43 -1.38
N ARG A 1210 12.97 -19.30 -2.55
CA ARG A 1210 12.26 -19.55 -3.80
C ARG A 1210 11.28 -20.70 -3.60
N CYS A 1211 11.73 -21.73 -2.88
CA CYS A 1211 10.90 -22.87 -2.51
C CYS A 1211 9.73 -22.42 -1.62
N LEU A 1212 10.03 -21.92 -0.43
CA LEU A 1212 8.99 -21.47 0.49
C LEU A 1212 8.04 -20.48 -0.19
N SER A 1213 8.58 -19.61 -1.04
CA SER A 1213 7.77 -18.67 -1.81
C SER A 1213 6.95 -19.40 -2.88
N GLU A 1214 7.41 -20.58 -3.27
CA GLU A 1214 6.71 -21.40 -4.25
C GLU A 1214 5.57 -22.19 -3.60
N SER A 1215 5.64 -22.34 -2.29
CA SER A 1215 4.65 -23.10 -1.53
C SER A 1215 3.68 -22.17 -0.80
N ASN A 1216 3.55 -20.95 -1.32
CA ASN A 1216 2.58 -19.97 -0.81
C ASN A 1216 1.61 -19.57 -1.92
N ALA A 1234 -0.89 -0.29 -4.67
CA ALA A 1234 -1.85 0.14 -5.67
C ALA A 1234 -2.29 -1.12 -6.41
N ILE A 1235 -1.57 -1.47 -7.47
CA ILE A 1235 -1.60 -2.81 -8.06
C ILE A 1235 -0.18 -3.06 -8.56
N ASP A 1236 0.77 -2.37 -7.92
CA ASP A 1236 2.12 -2.21 -8.47
C ASP A 1236 3.24 -2.83 -7.63
N GLN A 1237 2.90 -3.46 -6.52
CA GLN A 1237 3.90 -4.20 -5.74
C GLN A 1237 4.47 -5.34 -6.58
N LEU A 1238 3.76 -5.68 -7.65
CA LEU A 1238 4.09 -6.84 -8.47
C LEU A 1238 5.41 -6.70 -9.24
N ILE A 1239 5.76 -5.48 -9.64
CA ILE A 1239 7.06 -5.24 -10.26
C ILE A 1239 8.10 -4.98 -9.17
N CYS A 1240 8.02 -5.74 -8.08
CA CYS A 1240 8.95 -5.60 -6.94
C CYS A 1240 9.32 -6.94 -6.31
N ARG A 1241 10.55 -7.01 -5.80
CA ARG A 1241 11.11 -8.25 -5.26
C ARG A 1241 11.45 -8.19 -3.76
N SER A 1242 12.14 -9.23 -3.29
CA SER A 1242 12.80 -9.25 -2.00
C SER A 1242 14.27 -9.60 -2.25
N ASN A 1243 15.18 -8.92 -1.54
CA ASN A 1243 16.56 -8.76 -2.02
C ASN A 1243 17.67 -9.63 -1.38
N PRO A 1244 18.84 -9.69 -2.05
CA PRO A 1244 20.06 -10.43 -1.69
C PRO A 1244 20.57 -10.18 -0.27
N THR A 1245 21.60 -10.94 0.12
CA THR A 1245 22.09 -10.91 1.49
C THR A 1245 23.45 -10.25 1.64
N LYS A 1246 23.55 -9.24 2.52
CA LYS A 1246 24.81 -8.58 2.84
C LYS A 1246 24.98 -8.48 4.36
N ILE A 1247 26.21 -8.56 4.83
CA ILE A 1247 26.47 -8.61 6.28
C ILE A 1247 27.22 -7.38 6.76
N SER A 1248 27.16 -7.16 8.08
CA SER A 1248 27.97 -6.14 8.73
C SER A 1248 27.86 -6.19 10.25
N ARG A 1249 28.99 -6.00 10.91
CA ARG A 1249 29.04 -5.75 12.35
C ARG A 1249 29.06 -4.23 12.52
N SER A 1250 28.11 -3.71 13.29
CA SER A 1250 27.98 -2.26 13.41
C SER A 1250 28.87 -1.69 14.52
N THR A 1251 29.83 -0.88 14.11
CA THR A 1251 30.66 -0.14 15.06
C THR A 1251 29.81 0.83 15.91
N GLY A 1252 30.38 1.29 17.01
CA GLY A 1252 29.72 2.27 17.87
C GLY A 1252 29.62 3.63 17.22
N LYS A 1253 30.39 3.83 16.16
CA LYS A 1253 30.40 5.09 15.42
C LYS A 1253 29.10 5.25 14.63
N PHE A 1254 28.79 6.52 14.30
CA PHE A 1254 27.60 6.85 13.51
C PHE A 1254 27.97 7.33 12.13
N ASP A 1255 26.96 7.69 11.36
CA ASP A 1255 27.17 8.00 9.96
C ASP A 1255 25.98 8.79 9.47
N ILE A 1256 26.12 9.43 8.32
CA ILE A 1256 25.06 10.29 7.82
C ILE A 1256 24.59 9.83 6.45
N GLN A 1257 23.30 9.50 6.38
CA GLN A 1257 22.71 9.07 5.13
C GLN A 1257 21.69 10.07 4.61
N TYR A 1258 21.77 10.35 3.32
CA TYR A 1258 20.75 11.16 2.66
C TYR A 1258 19.65 10.25 2.14
N ILE A 1259 18.42 10.60 2.48
CA ILE A 1259 17.25 9.81 2.11
C ILE A 1259 16.30 10.60 1.21
N ALA A 1260 15.02 10.25 1.23
CA ALA A 1260 14.03 10.95 0.41
C ALA A 1260 12.81 11.36 1.23
N CYS A 1261 12.37 12.60 1.03
CA CYS A 1261 11.30 13.19 1.86
C CYS A 1261 10.11 13.79 1.10
N SER A 1262 9.09 14.12 1.89
CA SER A 1262 7.93 14.86 1.43
C SER A 1262 7.34 15.56 2.67
N SER A 1263 6.77 16.75 2.48
CA SER A 1263 6.38 17.59 3.62
C SER A 1263 5.03 17.25 4.22
N ARG A 1264 5.01 16.14 4.94
CA ARG A 1264 3.79 15.54 5.55
C ARG A 1264 3.57 14.09 5.06
MG MG B . 0.60 -7.97 28.20
#